data_6H3H
#
_entry.id   6H3H
#
_cell.length_a   40.330
_cell.length_b   138.180
_cell.length_c   83.530
_cell.angle_alpha   90.00
_cell.angle_beta   91.85
_cell.angle_gamma   90.00
#
_symmetry.space_group_name_H-M   'P 1 21 1'
#
loop_
_entity.id
_entity.type
_entity.pdbx_description
1 polymer 'Anti-fullerene antibody Fab fragment Heavy chain'
2 polymer 'Anti-fullerene antibody Fab fragment Light chain'
3 non-polymer GLYCEROL
4 non-polymer 'SULFATE ION'
5 water water
#
loop_
_entity_poly.entity_id
_entity_poly.type
_entity_poly.pdbx_seq_one_letter_code
_entity_poly.pdbx_strand_id
1 'polypeptide(L)'
;QVQLQQSAAELARPGASVKMSCKASGYTFTRYTMHWIKQRPGQGLEWIGYINPSSGYTEYNQKFRDKTTLTADKSSSTAY
MQLSSLTSEDSAVYYCARGDYRYGGTAYWGQGTLVTVSAAKTTAPSVYPLAPVCGDTTGSSVTLGCLVKGYFPEPVTLTW
NSGSLSSGVHTFPAVLQSDLYTLSSSVTVTSSTWPSQSITCNVAHPASSTKVDKKIDPAGPS
;
A,C
2 'polypeptide(L)'
;QAVVTQESALTTSPGETVTLTCRSSTGAVTTSNYANWVQEKPDHLFTGLIGGTNNRAPGVPARFSGSLIGDKAALTITGA
QTEDEAIYFCALWYSNHWVFGGGTKLTVLGQPKSSPSVTLFPPSSEELETNKATLVCTITDFYPGVVTVDWKVDGTPVTQ
GMETTQPSKQSNNKYMASSYLTLTARAWERHSSYSCQVTHEGHTVEKSLSRADCS
;
B,D
#
loop_
_chem_comp.id
_chem_comp.type
_chem_comp.name
_chem_comp.formula
GOL non-polymer GLYCEROL 'C3 H8 O3'
SO4 non-polymer 'SULFATE ION' 'O4 S -2'
#
# COMPACT_ATOMS: atom_id res chain seq x y z
N GLN A 1 -26.64 22.32 7.14
CA GLN A 1 -25.74 21.23 6.65
C GLN A 1 -25.88 19.84 7.28
N VAL A 2 -25.00 18.87 6.98
CA VAL A 2 -25.31 17.44 7.34
C VAL A 2 -25.00 17.17 8.80
N GLN A 3 -25.96 16.72 9.63
CA GLN A 3 -25.68 16.46 11.05
C GLN A 3 -26.41 15.19 11.53
N LEU A 4 -25.80 14.44 12.41
CA LEU A 4 -26.41 13.22 12.97
C LEU A 4 -26.35 13.39 14.49
N GLN A 5 -27.51 13.60 15.14
CA GLN A 5 -27.51 13.94 16.57
C GLN A 5 -27.98 12.69 17.32
N GLN A 6 -27.08 12.11 18.11
CA GLN A 6 -27.41 10.84 18.85
C GLN A 6 -27.94 11.14 20.24
N SER A 7 -28.74 10.20 20.80
CA SER A 7 -29.37 10.45 22.05
C SER A 7 -28.27 10.35 23.15
N ALA A 8 -28.64 10.70 24.36
CA ALA A 8 -27.68 10.78 25.48
C ALA A 8 -27.23 9.38 26.01
N ALA A 9 -26.15 9.40 26.80
CA ALA A 9 -25.52 8.21 27.36
C ALA A 9 -26.54 7.50 28.14
N GLU A 10 -26.43 6.19 28.20
CA GLU A 10 -27.38 5.35 28.89
C GLU A 10 -26.64 4.49 29.86
N LEU A 11 -27.26 4.32 31.02
CA LEU A 11 -26.85 3.27 31.97
C LEU A 11 -27.90 2.18 31.95
N ALA A 12 -27.48 0.90 31.88
CA ALA A 12 -28.41 -0.23 31.86
C ALA A 12 -27.92 -1.43 32.67
N ARG A 13 -28.86 -2.16 33.26
CA ARG A 13 -28.55 -3.39 34.02
C ARG A 13 -28.34 -4.59 33.09
N PRO A 14 -27.52 -5.58 33.51
CA PRO A 14 -27.38 -6.79 32.68
C PRO A 14 -28.75 -7.37 32.34
N GLY A 15 -28.98 -7.82 31.12
CA GLY A 15 -30.29 -8.40 30.82
C GLY A 15 -31.38 -7.51 30.29
N ALA A 16 -31.26 -6.20 30.58
CA ALA A 16 -32.20 -5.15 30.06
C ALA A 16 -31.95 -4.79 28.61
N SER A 17 -32.81 -3.92 28.10
CA SER A 17 -32.66 -3.42 26.79
C SER A 17 -32.53 -1.90 26.81
N VAL A 18 -31.86 -1.36 25.78
CA VAL A 18 -31.87 0.07 25.50
C VAL A 18 -32.23 0.32 24.07
N LYS A 19 -32.79 1.50 23.81
CA LYS A 19 -33.02 1.85 22.45
C LYS A 19 -32.59 3.27 22.25
N MET A 20 -31.60 3.48 21.39
CA MET A 20 -31.04 4.82 21.10
C MET A 20 -31.47 5.41 19.76
N SER A 21 -31.34 6.73 19.67
CA SER A 21 -31.82 7.36 18.46
C SER A 21 -30.75 8.22 17.82
N CYS A 22 -30.96 8.48 16.54
CA CYS A 22 -30.00 9.17 15.69
C CYS A 22 -30.79 10.09 14.77
N LYS A 23 -30.83 11.35 15.13
CA LYS A 23 -31.64 12.31 14.36
C LYS A 23 -30.77 12.97 13.29
N ALA A 24 -31.25 12.83 12.05
CA ALA A 24 -30.57 13.21 10.89
C ALA A 24 -31.11 14.56 10.46
N SER A 25 -30.21 15.39 10.02
CA SER A 25 -30.67 16.65 9.40
C SER A 25 -29.72 17.08 8.34
N GLY A 26 -30.19 18.05 7.55
CA GLY A 26 -29.40 18.66 6.48
C GLY A 26 -29.41 17.86 5.21
N TYR A 27 -30.27 16.87 5.09
CA TYR A 27 -30.40 16.09 3.81
C TYR A 27 -31.74 15.36 3.67
N THR A 28 -32.09 14.94 2.45
CA THR A 28 -33.31 14.15 2.26
C THR A 28 -33.09 12.73 2.84
N PHE A 29 -33.75 12.47 3.96
CA PHE A 29 -33.59 11.19 4.69
C PHE A 29 -33.79 9.92 3.85
N THR A 30 -34.76 9.95 2.92
CA THR A 30 -35.06 8.75 2.10
C THR A 30 -34.01 8.40 1.06
N ARG A 31 -33.15 9.36 0.70
CA ARG A 31 -32.13 9.14 -0.31
C ARG A 31 -30.88 8.43 0.21
N TYR A 32 -30.81 8.07 1.50
CA TYR A 32 -29.56 7.54 2.10
C TYR A 32 -29.83 6.40 3.07
N THR A 33 -28.81 5.65 3.49
CA THR A 33 -29.08 4.59 4.45
C THR A 33 -28.47 5.04 5.82
N MET A 34 -28.69 4.26 6.87
CA MET A 34 -28.02 4.54 8.13
C MET A 34 -27.31 3.32 8.58
N HIS A 35 -26.01 3.48 8.78
CA HIS A 35 -25.11 2.45 9.29
C HIS A 35 -24.84 2.64 10.77
N TRP A 36 -24.59 1.51 11.49
CA TRP A 36 -24.16 1.61 12.89
C TRP A 36 -22.90 0.91 13.21
N ILE A 37 -22.16 1.46 14.17
CA ILE A 37 -20.78 1.04 14.40
C ILE A 37 -20.54 0.98 15.91
N LYS A 38 -19.90 -0.11 16.36
CA LYS A 38 -19.52 -0.22 17.75
C LYS A 38 -18.07 0.03 18.00
N GLN A 39 -17.77 0.75 19.08
CA GLN A 39 -16.37 0.97 19.46
C GLN A 39 -16.11 0.63 20.92
N ARG A 40 -15.17 -0.28 21.13
CA ARG A 40 -14.66 -0.52 22.49
C ARG A 40 -13.19 -0.23 22.59
N PRO A 41 -12.68 0.20 23.78
CA PRO A 41 -11.26 0.59 23.82
C PRO A 41 -10.30 -0.52 23.33
N GLY A 42 -9.40 -0.18 22.41
CA GLY A 42 -8.45 -1.16 21.83
C GLY A 42 -9.05 -2.43 21.25
N GLN A 43 -10.39 -2.50 21.16
CA GLN A 43 -11.13 -3.54 20.39
C GLN A 43 -11.41 -3.05 18.97
N GLY A 44 -11.05 -1.79 18.74
CA GLY A 44 -11.28 -1.16 17.48
C GLY A 44 -12.78 -1.04 17.19
N LEU A 45 -13.16 -1.33 15.94
CA LEU A 45 -14.44 -0.84 15.41
C LEU A 45 -15.13 -1.96 14.77
N GLU A 46 -16.43 -2.08 15.08
CA GLU A 46 -17.16 -3.18 14.47
C GLU A 46 -18.32 -2.62 13.72
N TRP A 47 -18.53 -3.10 12.49
CA TRP A 47 -19.77 -2.79 11.78
C TRP A 47 -20.94 -3.61 12.27
N ILE A 48 -22.00 -2.92 12.70
CA ILE A 48 -23.19 -3.57 13.25
C ILE A 48 -24.18 -4.04 12.12
N GLY A 49 -24.50 -3.16 11.20
CA GLY A 49 -25.58 -3.41 10.24
C GLY A 49 -25.98 -2.05 9.62
N TYR A 50 -26.98 -2.07 8.73
CA TYR A 50 -27.53 -0.82 8.20
C TYR A 50 -29.01 -1.01 7.93
N ILE A 51 -29.70 0.10 7.81
CA ILE A 51 -31.12 0.15 7.42
C ILE A 51 -31.25 1.08 6.23
N ASN A 52 -32.14 0.73 5.30
CA ASN A 52 -32.52 1.63 4.24
C ASN A 52 -33.93 2.09 4.61
N PRO A 53 -34.07 3.34 5.10
CA PRO A 53 -35.40 3.70 5.66
C PRO A 53 -36.47 3.81 4.60
N SER A 54 -36.10 4.11 3.35
CA SER A 54 -37.13 4.19 2.29
C SER A 54 -37.87 2.87 2.12
N SER A 55 -37.17 1.74 2.26
CA SER A 55 -37.86 0.42 2.32
C SER A 55 -38.01 -0.23 3.67
N GLY A 56 -37.23 0.16 4.66
CA GLY A 56 -37.22 -0.60 5.92
C GLY A 56 -36.33 -1.86 5.85
N TYR A 57 -35.73 -2.16 4.70
CA TYR A 57 -34.75 -3.23 4.56
C TYR A 57 -33.54 -3.02 5.54
N THR A 58 -33.17 -4.10 6.25
CA THR A 58 -32.00 -4.12 7.17
C THR A 58 -31.04 -5.27 6.83
N GLU A 59 -29.75 -5.06 7.15
CA GLU A 59 -28.73 -6.06 7.06
C GLU A 59 -27.85 -5.96 8.30
N TYR A 60 -27.57 -7.13 8.92
CA TYR A 60 -26.83 -7.24 10.19
C TYR A 60 -25.54 -8.06 9.96
N ASN A 61 -24.50 -7.66 10.68
CA ASN A 61 -23.32 -8.44 10.87
C ASN A 61 -23.91 -9.62 11.73
N GLN A 62 -23.67 -10.86 11.29
CA GLN A 62 -24.25 -12.04 11.96
C GLN A 62 -24.01 -12.01 13.49
N LYS A 63 -22.83 -11.54 13.90
CA LYS A 63 -22.46 -11.41 15.32
C LYS A 63 -23.47 -10.58 16.18
N PHE A 64 -24.14 -9.60 15.57
CA PHE A 64 -25.06 -8.64 16.27
C PHE A 64 -26.53 -8.96 15.99
N ARG A 65 -26.78 -9.82 14.99
CA ARG A 65 -28.18 -10.03 14.51
C ARG A 65 -29.17 -10.44 15.64
N ASP A 66 -28.74 -11.30 16.55
CA ASP A 66 -29.71 -11.84 17.55
C ASP A 66 -30.21 -10.79 18.60
N LYS A 67 -29.31 -9.93 19.06
CA LYS A 67 -29.62 -9.01 20.14
C LYS A 67 -29.81 -7.55 19.63
N THR A 68 -29.80 -7.34 18.32
CA THR A 68 -29.82 -5.93 17.75
C THR A 68 -30.98 -5.70 16.83
N THR A 69 -31.72 -4.61 17.01
CA THR A 69 -32.82 -4.31 16.08
C THR A 69 -32.64 -2.85 15.54
N LEU A 70 -32.43 -2.70 14.24
CA LEU A 70 -32.35 -1.35 13.64
C LEU A 70 -33.74 -1.04 13.09
N THR A 71 -34.27 0.16 13.35
CA THR A 71 -35.56 0.58 12.77
C THR A 71 -35.32 2.04 12.35
N ALA A 72 -36.31 2.65 11.70
CA ALA A 72 -36.20 4.08 11.36
C ALA A 72 -37.61 4.66 11.29
N ASP A 73 -37.75 5.94 11.60
CA ASP A 73 -39.03 6.62 11.39
C ASP A 73 -38.74 7.68 10.31
N LYS A 74 -39.14 7.39 9.05
CA LYS A 74 -38.94 8.27 7.92
C LYS A 74 -39.52 9.63 8.18
N SER A 75 -40.64 9.64 8.88
CA SER A 75 -41.44 10.86 9.01
C SER A 75 -40.70 11.83 9.94
N SER A 76 -39.85 11.28 10.81
CA SER A 76 -39.09 12.17 11.69
C SER A 76 -37.58 12.17 11.40
N SER A 77 -37.19 11.65 10.22
CA SER A 77 -35.73 11.54 9.83
C SER A 77 -34.88 11.07 10.98
N THR A 78 -35.32 9.99 11.69
CA THR A 78 -34.60 9.48 12.83
C THR A 78 -34.47 7.94 12.69
N ALA A 79 -33.24 7.45 12.92
CA ALA A 79 -32.92 6.01 12.94
C ALA A 79 -32.78 5.55 14.38
N TYR A 80 -33.14 4.30 14.64
CA TYR A 80 -33.04 3.82 15.99
C TYR A 80 -32.27 2.54 16.04
N MET A 81 -31.60 2.32 17.17
CA MET A 81 -31.01 1.03 17.39
C MET A 81 -31.36 0.48 18.75
N GLN A 82 -31.88 -0.74 18.75
CA GLN A 82 -32.24 -1.41 20.01
C GLN A 82 -31.29 -2.59 20.32
N LEU A 83 -30.65 -2.55 21.50
CA LEU A 83 -29.75 -3.57 21.97
C LEU A 83 -30.48 -4.30 23.07
N SER A 84 -30.59 -5.59 22.93
CA SER A 84 -31.33 -6.36 23.97
C SER A 84 -30.46 -7.31 24.74
N SER A 85 -30.99 -7.92 25.83
CA SER A 85 -30.20 -8.91 26.62
C SER A 85 -28.76 -8.47 26.93
N LEU A 86 -28.65 -7.24 27.38
CA LEU A 86 -27.34 -6.55 27.50
C LEU A 86 -26.40 -7.32 28.45
N THR A 87 -25.11 -7.43 28.08
CA THR A 87 -24.03 -7.97 28.93
C THR A 87 -22.90 -6.95 28.96
N SER A 88 -21.88 -7.17 29.79
CA SER A 88 -20.74 -6.23 29.90
C SER A 88 -20.05 -6.02 28.56
N GLU A 89 -20.05 -7.05 27.72
CA GLU A 89 -19.60 -6.91 26.33
C GLU A 89 -20.24 -5.79 25.49
N ASP A 90 -21.45 -5.37 25.83
CA ASP A 90 -22.16 -4.33 25.10
C ASP A 90 -21.86 -2.89 25.60
N SER A 91 -21.11 -2.76 26.71
CA SER A 91 -20.60 -1.49 27.16
C SER A 91 -19.67 -0.95 26.06
N ALA A 92 -20.02 0.20 25.46
CA ALA A 92 -19.28 0.72 24.29
C ALA A 92 -19.82 2.08 23.87
N VAL A 93 -19.12 2.71 22.94
CA VAL A 93 -19.71 3.86 22.27
C VAL A 93 -20.28 3.39 20.92
N TYR A 94 -21.55 3.68 20.61
CA TYR A 94 -22.18 3.29 19.32
C TYR A 94 -22.38 4.53 18.47
N TYR A 95 -22.06 4.45 17.18
CA TYR A 95 -22.18 5.61 16.25
C TYR A 95 -23.23 5.21 15.20
N CYS A 96 -24.00 6.21 14.76
CA CYS A 96 -24.69 6.07 13.49
C CYS A 96 -23.87 6.84 12.40
N ALA A 97 -23.99 6.46 11.13
CA ALA A 97 -23.27 7.10 10.05
C ALA A 97 -24.14 7.03 8.79
N ARG A 98 -24.11 8.05 7.97
CA ARG A 98 -25.01 8.08 6.82
C ARG A 98 -24.35 7.30 5.68
N GLY A 99 -24.98 6.26 5.15
CA GLY A 99 -24.42 5.49 4.00
C GLY A 99 -24.86 6.10 2.69
N ASP A 100 -23.95 6.23 1.71
CA ASP A 100 -24.27 6.85 0.44
C ASP A 100 -23.62 6.08 -0.73
N TYR A 101 -24.44 5.46 -1.60
CA TYR A 101 -23.90 4.67 -2.73
C TYR A 101 -23.06 5.53 -3.69
N ARG A 102 -23.36 6.82 -3.86
CA ARG A 102 -22.59 7.70 -4.79
C ARG A 102 -21.13 7.84 -4.26
N TYR A 103 -21.01 8.16 -2.98
CA TYR A 103 -19.71 8.26 -2.27
C TYR A 103 -19.06 6.92 -2.17
N GLY A 104 -19.85 5.86 -1.99
CA GLY A 104 -19.36 4.51 -1.77
C GLY A 104 -18.90 4.35 -0.32
N GLY A 105 -19.70 4.80 0.64
CA GLY A 105 -19.32 4.63 2.04
C GLY A 105 -20.09 5.53 2.99
N THR A 106 -19.48 5.85 4.16
CA THR A 106 -20.14 6.67 5.20
C THR A 106 -19.34 7.94 5.45
N ALA A 107 -19.80 9.02 4.86
CA ALA A 107 -19.13 10.34 4.93
C ALA A 107 -19.36 11.04 6.25
N TYR A 108 -20.57 10.93 6.80
CA TYR A 108 -20.88 11.67 8.07
C TYR A 108 -21.26 10.68 9.19
N TRP A 109 -20.76 10.93 10.40
CA TRP A 109 -20.93 10.06 11.59
C TRP A 109 -21.61 10.90 12.67
N GLY A 110 -22.36 10.29 13.59
CA GLY A 110 -22.96 10.97 14.78
C GLY A 110 -21.85 11.13 15.79
N GLN A 111 -22.14 11.80 16.91
CA GLN A 111 -21.13 12.03 17.94
C GLN A 111 -20.97 10.81 18.82
N GLY A 112 -21.88 9.84 18.72
CA GLY A 112 -21.78 8.60 19.55
C GLY A 112 -22.74 8.62 20.71
N THR A 113 -23.17 7.41 21.17
CA THR A 113 -23.98 7.24 22.39
C THR A 113 -23.26 6.15 23.18
N LEU A 114 -22.85 6.52 24.39
CA LEU A 114 -22.16 5.62 25.28
C LEU A 114 -23.24 4.75 25.94
N VAL A 115 -22.98 3.47 26.00
CA VAL A 115 -23.86 2.56 26.78
C VAL A 115 -22.96 1.96 27.82
N THR A 116 -23.34 2.13 29.09
CA THR A 116 -22.71 1.36 30.21
C THR A 116 -23.65 0.26 30.76
N VAL A 117 -23.22 -0.98 30.65
CA VAL A 117 -23.96 -2.11 31.25
C VAL A 117 -23.37 -2.44 32.62
N SER A 118 -24.13 -2.24 33.69
CA SER A 118 -23.55 -2.42 35.01
C SER A 118 -24.62 -2.77 36.05
N ALA A 119 -24.27 -3.65 36.98
CA ALA A 119 -25.16 -3.90 38.13
C ALA A 119 -24.81 -3.02 39.33
N ALA A 120 -23.86 -2.08 39.18
CA ALA A 120 -23.41 -1.27 40.30
C ALA A 120 -24.46 -0.29 40.82
N LYS A 121 -24.38 -0.02 42.11
CA LYS A 121 -25.26 0.96 42.74
C LYS A 121 -24.41 2.22 42.94
N THR A 122 -25.10 3.35 43.12
CA THR A 122 -24.46 4.64 43.38
C THR A 122 -23.62 4.60 44.66
N THR A 123 -22.34 4.92 44.49
CA THR A 123 -21.34 4.83 45.54
C THR A 123 -20.42 6.04 45.48
N ALA A 124 -20.33 6.75 46.60
CA ALA A 124 -19.34 7.82 46.81
C ALA A 124 -17.91 7.23 46.82
N PRO A 125 -16.93 8.00 46.35
CA PRO A 125 -15.60 7.50 46.28
C PRO A 125 -14.92 7.61 47.63
N SER A 126 -13.90 6.78 47.80
CA SER A 126 -12.97 6.96 48.92
C SER A 126 -11.83 7.70 48.32
N VAL A 127 -11.32 8.70 49.04
CA VAL A 127 -10.22 9.54 48.54
C VAL A 127 -9.01 9.37 49.42
N TYR A 128 -7.91 8.97 48.80
CA TYR A 128 -6.66 8.68 49.51
C TYR A 128 -5.52 9.61 49.11
N PRO A 129 -4.82 10.19 50.11
CA PRO A 129 -3.72 11.08 49.87
C PRO A 129 -2.54 10.25 49.41
N LEU A 130 -1.80 10.71 48.39
CA LEU A 130 -0.55 10.04 47.96
C LEU A 130 0.64 10.97 48.19
N ALA A 131 1.30 10.81 49.33
CA ALA A 131 2.54 11.53 49.67
C ALA A 131 3.75 10.66 49.26
N PRO A 132 4.96 11.28 49.09
CA PRO A 132 6.14 10.40 48.98
C PRO A 132 6.44 9.71 50.32
N VAL A 133 6.68 8.39 50.25
CA VAL A 133 7.24 7.61 51.37
C VAL A 133 8.78 7.89 51.47
N CYS A 134 9.38 8.38 50.39
CA CYS A 134 10.81 8.68 50.30
C CYS A 134 11.05 10.02 49.64
N GLY A 135 11.96 10.78 50.24
CA GLY A 135 12.42 12.03 49.65
C GLY A 135 13.14 11.72 48.34
N ASP A 136 13.01 12.65 47.41
CA ASP A 136 13.65 12.58 46.11
C ASP A 136 14.96 13.39 46.18
N THR A 137 16.09 12.72 45.97
CA THR A 137 17.44 13.31 46.13
C THR A 137 17.90 14.33 45.06
N THR A 138 17.70 13.99 43.78
CA THR A 138 17.95 14.94 42.69
C THR A 138 16.83 15.99 42.61
N GLY A 139 15.67 15.62 43.17
CA GLY A 139 14.47 16.44 43.14
C GLY A 139 14.49 17.73 43.94
N SER A 140 14.55 18.83 43.19
CA SER A 140 14.18 20.14 43.67
C SER A 140 12.62 20.30 43.82
N SER A 141 11.88 19.52 43.04
CA SER A 141 10.42 19.52 43.01
C SER A 141 9.87 18.32 43.72
N VAL A 142 8.55 18.31 43.88
CA VAL A 142 7.88 17.17 44.49
C VAL A 142 6.49 16.93 43.86
N THR A 143 6.17 15.67 43.68
CA THR A 143 4.89 15.32 43.09
C THR A 143 3.95 14.64 44.08
N LEU A 144 2.79 15.25 44.33
CA LEU A 144 1.85 14.68 45.24
C LEU A 144 0.69 14.06 44.47
N GLY A 145 -0.05 13.13 45.10
CA GLY A 145 -1.19 12.53 44.44
C GLY A 145 -2.46 12.42 45.25
N CYS A 146 -3.50 12.03 44.54
CA CYS A 146 -4.79 11.86 45.12
C CYS A 146 -5.44 10.68 44.41
N LEU A 147 -5.77 9.64 45.17
CA LEU A 147 -6.40 8.44 44.58
C LEU A 147 -7.89 8.47 44.89
N VAL A 148 -8.72 8.36 43.85
CA VAL A 148 -10.17 8.48 44.01
C VAL A 148 -10.72 7.11 43.64
N LYS A 149 -11.04 6.32 44.66
CA LYS A 149 -11.25 4.86 44.54
C LYS A 149 -12.72 4.46 44.76
N GLY A 150 -13.28 3.69 43.83
CA GLY A 150 -14.49 2.90 44.10
C GLY A 150 -15.75 3.69 44.02
N TYR A 151 -15.88 4.53 43.00
CA TYR A 151 -17.14 5.26 42.88
C TYR A 151 -18.00 4.72 41.71
N PHE A 152 -19.27 5.13 41.70
CA PHE A 152 -20.16 4.81 40.58
C PHE A 152 -21.32 5.75 40.73
N PRO A 153 -21.87 6.33 39.66
CA PRO A 153 -21.33 6.28 38.29
C PRO A 153 -20.32 7.40 38.09
N GLU A 154 -19.82 7.57 36.87
CA GLU A 154 -18.97 8.73 36.48
C GLU A 154 -19.93 9.93 36.36
N PRO A 155 -19.47 11.17 36.46
CA PRO A 155 -18.05 11.51 36.58
C PRO A 155 -17.70 11.90 38.03
N VAL A 156 -16.42 12.09 38.33
CA VAL A 156 -16.06 12.95 39.48
C VAL A 156 -15.34 14.16 38.85
N THR A 157 -15.31 15.25 39.58
CA THR A 157 -14.48 16.37 39.20
C THR A 157 -13.47 16.55 40.39
N LEU A 158 -12.24 16.90 40.06
CA LEU A 158 -11.15 17.00 41.01
C LEU A 158 -10.49 18.36 40.76
N THR A 159 -10.24 19.12 41.84
CA THR A 159 -9.48 20.38 41.83
C THR A 159 -8.50 20.28 42.99
N TRP A 160 -7.52 21.17 43.00
CA TRP A 160 -6.57 21.26 44.11
C TRP A 160 -6.64 22.62 44.76
N ASN A 161 -6.64 22.64 46.10
CA ASN A 161 -6.81 23.88 46.90
C ASN A 161 -8.00 24.72 46.41
N SER A 162 -9.09 24.01 46.15
CA SER A 162 -10.36 24.55 45.66
C SER A 162 -10.23 25.32 44.34
N GLY A 163 -9.45 24.79 43.40
CA GLY A 163 -9.17 25.56 42.19
C GLY A 163 -7.95 26.46 42.18
N SER A 164 -7.53 26.94 43.36
CA SER A 164 -6.38 27.84 43.58
C SER A 164 -5.10 27.34 43.00
N LEU A 165 -4.89 26.02 43.11
CA LEU A 165 -3.69 25.38 42.60
C LEU A 165 -4.01 24.60 41.31
N SER A 166 -3.79 25.20 40.14
CA SER A 166 -4.12 24.54 38.86
C SER A 166 -2.91 24.28 37.95
N SER A 167 -1.77 24.92 38.25
CA SER A 167 -0.48 24.63 37.60
C SER A 167 0.19 23.32 38.00
N GLY A 168 0.77 22.64 37.03
CA GLY A 168 1.38 21.37 37.23
C GLY A 168 0.42 20.23 37.58
N VAL A 169 -0.85 20.33 37.20
CA VAL A 169 -1.85 19.30 37.52
C VAL A 169 -1.99 18.30 36.35
N HIS A 170 -2.12 17.01 36.68
CA HIS A 170 -2.52 16.02 35.69
C HIS A 170 -3.58 15.16 36.31
N THR A 171 -4.82 15.30 35.81
CA THR A 171 -5.95 14.50 36.22
C THR A 171 -6.27 13.50 35.12
N PHE A 172 -6.23 12.22 35.49
CA PHE A 172 -6.26 11.12 34.54
C PHE A 172 -7.69 10.51 34.35
N PRO A 173 -7.90 9.80 33.23
CA PRO A 173 -9.22 9.19 33.00
C PRO A 173 -9.42 8.01 33.98
N ALA A 174 -10.67 7.68 34.24
CA ALA A 174 -10.99 6.62 35.19
C ALA A 174 -10.76 5.24 34.58
N VAL A 175 -10.48 4.25 35.40
CA VAL A 175 -10.39 2.87 34.94
C VAL A 175 -11.47 2.15 35.74
N LEU A 176 -11.90 1.03 35.22
CA LEU A 176 -12.86 0.19 35.95
C LEU A 176 -12.08 -0.87 36.70
N GLN A 177 -12.36 -1.02 37.99
CA GLN A 177 -11.63 -1.96 38.85
C GLN A 177 -12.65 -2.56 39.81
N SER A 178 -12.78 -3.89 39.83
CA SER A 178 -13.86 -4.54 40.61
C SER A 178 -15.24 -3.82 40.47
N ASP A 179 -15.61 -3.48 39.22
CA ASP A 179 -16.94 -2.95 38.92
C ASP A 179 -17.26 -1.56 39.53
N LEU A 180 -16.23 -0.86 40.02
CA LEU A 180 -16.39 0.55 40.41
C LEU A 180 -15.26 1.34 39.72
N TYR A 181 -15.43 2.66 39.61
CA TYR A 181 -14.43 3.52 38.89
C TYR A 181 -13.35 4.05 39.84
N THR A 182 -12.11 4.16 39.34
CA THR A 182 -10.96 4.71 40.06
C THR A 182 -10.25 5.67 39.11
N LEU A 183 -9.99 6.86 39.62
CA LEU A 183 -9.04 7.71 38.94
C LEU A 183 -8.02 8.27 39.90
N SER A 184 -7.04 9.01 39.37
CA SER A 184 -6.14 9.77 40.23
C SER A 184 -5.74 11.08 39.56
N SER A 185 -5.11 11.95 40.34
CA SER A 185 -4.57 13.21 39.84
C SER A 185 -3.25 13.39 40.59
N SER A 186 -2.29 14.03 39.95
CA SER A 186 -1.07 14.43 40.60
C SER A 186 -0.89 15.94 40.44
N VAL A 187 -0.21 16.54 41.41
CA VAL A 187 0.19 17.93 41.26
C VAL A 187 1.70 18.03 41.61
N THR A 188 2.43 18.79 40.81
CA THR A 188 3.87 18.94 41.08
C THR A 188 4.11 20.33 41.57
N VAL A 189 4.78 20.40 42.71
CA VAL A 189 5.17 21.70 43.28
C VAL A 189 6.69 21.68 43.64
N THR A 190 7.28 22.86 43.73
CA THR A 190 8.65 23.03 44.25
C THR A 190 8.68 22.56 45.71
N SER A 191 9.75 21.83 46.10
CA SER A 191 9.88 21.22 47.45
C SER A 191 9.75 22.22 48.63
N SER A 192 10.11 23.48 48.41
CA SER A 192 9.97 24.55 49.43
C SER A 192 8.50 24.89 49.74
N THR A 193 7.61 24.52 48.83
CA THR A 193 6.17 24.84 48.96
C THR A 193 5.44 23.86 49.92
N TRP A 194 5.78 22.59 49.86
CA TRP A 194 5.05 21.58 50.61
C TRP A 194 6.07 20.87 51.45
N PRO A 195 5.84 20.62 52.76
CA PRO A 195 4.52 20.60 53.39
C PRO A 195 4.25 21.83 54.18
N SER A 196 5.18 22.79 54.09
CA SER A 196 5.05 24.11 54.74
C SER A 196 3.72 24.78 54.39
N GLN A 197 3.22 24.54 53.17
CA GLN A 197 1.92 25.04 52.73
C GLN A 197 1.01 23.82 52.51
N SER A 198 -0.24 23.90 52.97
CA SER A 198 -1.15 22.77 52.86
C SER A 198 -1.60 22.63 51.39
N ILE A 199 -1.75 21.37 51.00
CA ILE A 199 -2.25 21.05 49.68
C ILE A 199 -3.40 20.05 49.95
N THR A 200 -4.58 20.39 49.41
CA THR A 200 -5.81 19.64 49.55
C THR A 200 -6.34 19.24 48.17
N CYS A 201 -6.73 17.97 48.06
CA CYS A 201 -7.36 17.40 46.89
C CYS A 201 -8.88 17.53 47.09
N ASN A 202 -9.60 18.23 46.22
CA ASN A 202 -11.09 18.39 46.41
C ASN A 202 -11.83 17.59 45.34
N VAL A 203 -12.55 16.54 45.78
CA VAL A 203 -13.21 15.61 44.85
C VAL A 203 -14.75 15.82 44.98
N ALA A 204 -15.48 16.00 43.88
CA ALA A 204 -16.93 16.09 43.98
C ALA A 204 -17.50 14.95 43.15
N HIS A 205 -18.55 14.31 43.70
CA HIS A 205 -19.24 13.23 43.00
C HIS A 205 -20.75 13.62 42.92
N PRO A 206 -21.16 14.36 41.85
CA PRO A 206 -22.55 14.90 41.81
C PRO A 206 -23.61 13.81 42.05
N ALA A 207 -23.42 12.62 41.49
CA ALA A 207 -24.36 11.49 41.66
C ALA A 207 -24.74 11.22 43.11
N SER A 208 -23.75 11.25 44.01
CA SER A 208 -23.99 10.90 45.39
C SER A 208 -24.10 12.17 46.27
N SER A 209 -24.01 13.36 45.65
CA SER A 209 -24.04 14.68 46.35
C SER A 209 -22.93 14.82 47.39
N THR A 210 -21.82 14.10 47.18
CA THR A 210 -20.71 14.02 48.13
CA THR A 210 -20.73 14.08 48.15
C THR A 210 -19.49 14.81 47.63
N LYS A 211 -18.88 15.55 48.53
CA LYS A 211 -17.61 16.22 48.21
C LYS A 211 -16.68 15.73 49.29
N VAL A 212 -15.43 15.52 48.93
CA VAL A 212 -14.38 15.14 49.90
C VAL A 212 -13.20 16.05 49.67
N ASP A 213 -12.69 16.67 50.75
CA ASP A 213 -11.59 17.59 50.67
C ASP A 213 -10.53 16.94 51.52
N LYS A 214 -9.64 16.17 50.89
CA LYS A 214 -8.56 15.47 51.56
C LYS A 214 -7.21 16.25 51.52
N LYS A 215 -6.76 16.71 52.68
CA LYS A 215 -5.43 17.34 52.86
C LYS A 215 -4.34 16.30 52.65
N ILE A 216 -3.35 16.61 51.81
CA ILE A 216 -2.22 15.71 51.62
C ILE A 216 -1.18 16.02 52.71
N ASP A 217 -1.09 15.13 53.72
CA ASP A 217 -0.16 15.35 54.85
C ASP A 217 1.06 14.48 54.55
N PRO A 218 2.29 14.86 55.02
CA PRO A 218 3.38 13.91 54.75
C PRO A 218 3.22 12.67 55.64
N ALA A 219 3.87 11.58 55.26
CA ALA A 219 3.93 10.38 56.12
C ALA A 219 4.58 10.78 57.51
N GLY A 220 4.44 9.98 58.54
CA GLY A 220 5.03 10.36 59.83
C GLY A 220 6.55 10.47 59.76
N PRO A 221 7.18 10.95 60.85
CA PRO A 221 8.62 11.04 60.84
C PRO A 221 9.28 9.68 60.52
N SER A 222 10.41 9.72 59.81
CA SER A 222 11.27 8.55 59.59
C SER A 222 12.65 8.76 60.34
N GLN B 1 -13.84 -14.45 9.26
CA GLN B 1 -14.07 -13.58 8.08
C GLN B 1 -12.75 -12.92 7.66
N ALA B 2 -12.85 -12.02 6.67
CA ALA B 2 -11.76 -11.15 6.28
C ALA B 2 -11.17 -10.32 7.43
N VAL B 3 -9.84 -10.20 7.47
CA VAL B 3 -9.11 -9.30 8.42
C VAL B 3 -8.48 -8.09 7.63
N VAL B 4 -8.78 -6.85 8.05
CA VAL B 4 -8.17 -5.66 7.42
C VAL B 4 -7.00 -5.17 8.28
N THR B 5 -5.82 -4.95 7.68
CA THR B 5 -4.64 -4.58 8.49
CA THR B 5 -4.60 -4.63 8.43
C THR B 5 -4.09 -3.23 8.05
N GLN B 6 -3.72 -2.40 9.03
CA GLN B 6 -3.11 -1.06 8.76
C GLN B 6 -1.85 -1.01 9.61
N GLU B 7 -0.92 -0.13 9.26
CA GLU B 7 0.20 0.21 10.13
C GLU B 7 -0.32 0.62 11.51
N SER B 8 0.31 0.19 12.58
CA SER B 8 -0.24 0.62 13.87
C SER B 8 0.04 2.08 14.24
N ALA B 9 1.19 2.62 13.88
CA ALA B 9 1.50 4.03 14.19
C ALA B 9 2.46 4.56 13.14
N LEU B 10 2.35 5.86 12.82
CA LEU B 10 3.30 6.54 11.90
C LEU B 10 3.61 7.90 12.44
N THR B 11 4.87 8.33 12.23
CA THR B 11 5.29 9.67 12.65
C THR B 11 5.73 10.52 11.47
N THR B 12 5.21 11.72 11.39
CA THR B 12 5.59 12.67 10.32
C THR B 12 5.77 14.05 10.94
N SER B 13 6.11 15.04 10.10
CA SER B 13 6.31 16.41 10.52
C SER B 13 5.52 17.32 9.62
N PRO B 14 5.10 18.50 10.12
CA PRO B 14 4.35 19.49 9.30
C PRO B 14 5.06 19.76 7.97
N GLY B 15 4.28 19.76 6.90
CA GLY B 15 4.78 19.94 5.56
C GLY B 15 5.20 18.68 4.83
N GLU B 16 5.38 17.55 5.53
CA GLU B 16 5.78 16.31 4.85
C GLU B 16 4.60 15.54 4.32
N THR B 17 4.89 14.61 3.43
CA THR B 17 3.86 13.73 2.92
C THR B 17 3.93 12.36 3.64
N VAL B 18 2.77 11.77 3.92
CA VAL B 18 2.74 10.44 4.63
C VAL B 18 1.77 9.51 3.86
N THR B 19 2.09 8.20 3.76
CA THR B 19 1.25 7.24 3.08
C THR B 19 0.78 6.16 4.09
N LEU B 20 -0.51 6.07 4.31
CA LEU B 20 -1.10 5.08 5.21
C LEU B 20 -1.65 3.99 4.27
N THR B 21 -1.64 2.71 4.67
CA THR B 21 -2.09 1.67 3.74
C THR B 21 -3.02 0.71 4.47
N CYS B 22 -3.70 -0.10 3.67
CA CYS B 22 -4.82 -0.88 4.13
C CYS B 22 -4.83 -2.19 3.38
N ARG B 23 -4.64 -3.32 4.09
CA ARG B 23 -4.51 -4.61 3.39
C ARG B 23 -5.73 -5.48 3.74
N SER B 24 -6.24 -6.18 2.72
CA SER B 24 -7.23 -7.23 2.87
C SER B 24 -6.58 -8.61 3.10
N SER B 25 -6.99 -9.36 4.14
CA SER B 25 -6.41 -10.71 4.33
C SER B 25 -6.78 -11.68 3.18
N THR B 26 -7.81 -11.37 2.40
CA THR B 26 -8.26 -12.32 1.39
C THR B 26 -7.61 -12.27 0.06
N GLY B 27 -6.80 -11.24 -0.21
CA GLY B 27 -6.21 -11.00 -1.54
C GLY B 27 -6.08 -9.50 -1.75
N ALA B 28 -6.00 -9.09 -3.00
CA ALA B 28 -5.74 -7.72 -3.33
C ALA B 28 -6.98 -6.86 -2.94
N VAL B 29 -6.75 -5.62 -2.53
CA VAL B 29 -7.88 -4.69 -2.43
C VAL B 29 -8.23 -4.21 -3.82
N THR B 30 -9.50 -4.22 -4.22
CA THR B 30 -9.81 -3.66 -5.54
C THR B 30 -10.89 -2.63 -5.35
N THR B 31 -11.26 -1.94 -6.41
CA THR B 31 -12.32 -0.93 -6.28
C THR B 31 -13.64 -1.58 -5.83
N SER B 32 -13.82 -2.89 -6.07
CA SER B 32 -14.97 -3.64 -5.47
C SER B 32 -14.97 -3.74 -3.93
N ASN B 33 -13.88 -3.36 -3.26
CA ASN B 33 -13.94 -3.17 -1.80
C ASN B 33 -14.33 -1.76 -1.34
N TYR B 34 -14.48 -0.78 -2.27
CA TYR B 34 -14.91 0.59 -1.95
C TYR B 34 -14.22 1.07 -0.67
N ALA B 35 -12.89 0.98 -0.61
CA ALA B 35 -12.20 1.39 0.61
C ALA B 35 -12.65 2.74 1.15
N ASN B 36 -12.91 2.77 2.45
CA ASN B 36 -13.22 4.02 3.15
C ASN B 36 -12.11 4.37 4.10
N TRP B 37 -11.91 5.67 4.33
CA TRP B 37 -10.99 6.08 5.38
C TRP B 37 -11.81 7.02 6.24
N VAL B 38 -11.61 6.93 7.55
CA VAL B 38 -12.31 7.83 8.53
C VAL B 38 -11.30 8.26 9.60
N GLN B 39 -11.48 9.44 10.15
CA GLN B 39 -10.49 9.97 11.10
C GLN B 39 -11.19 10.06 12.40
N GLU B 40 -10.44 9.68 13.44
CA GLU B 40 -10.88 9.85 14.79
C GLU B 40 -10.02 10.79 15.57
N LYS B 41 -10.65 11.87 16.05
CA LYS B 41 -9.98 12.85 16.88
C LYS B 41 -10.49 12.78 18.31
N PRO B 42 -9.75 13.35 19.28
CA PRO B 42 -10.17 13.23 20.65
C PRO B 42 -11.61 13.62 20.92
N ASP B 43 -12.13 12.91 21.91
CA ASP B 43 -13.52 12.84 22.37
C ASP B 43 -14.40 12.26 21.30
N HIS B 44 -13.90 11.18 20.69
CA HIS B 44 -14.71 10.34 19.77
C HIS B 44 -15.34 11.17 18.66
N LEU B 45 -14.61 12.12 18.09
CA LEU B 45 -15.04 12.90 16.96
C LEU B 45 -14.58 12.13 15.69
N PHE B 46 -15.52 11.60 14.89
CA PHE B 46 -15.18 10.80 13.72
C PHE B 46 -15.63 11.56 12.51
N THR B 47 -14.72 11.75 11.54
CA THR B 47 -14.99 12.48 10.28
C THR B 47 -14.69 11.54 9.16
N GLY B 48 -15.65 11.34 8.25
CA GLY B 48 -15.37 10.48 7.06
C GLY B 48 -14.44 11.31 6.14
N LEU B 49 -13.41 10.67 5.57
CA LEU B 49 -12.42 11.35 4.74
C LEU B 49 -12.59 10.92 3.25
N ILE B 50 -12.64 9.63 3.02
CA ILE B 50 -12.68 9.01 1.67
C ILE B 50 -13.67 7.94 1.63
N GLY B 51 -14.39 7.85 0.50
CA GLY B 51 -15.17 6.62 0.24
C GLY B 51 -14.97 6.17 -1.22
N GLY B 52 -15.40 4.96 -1.48
CA GLY B 52 -15.32 4.33 -2.82
C GLY B 52 -13.87 4.45 -3.36
N THR B 53 -12.89 4.10 -2.54
CA THR B 53 -11.48 4.21 -2.89
C THR B 53 -10.90 5.62 -2.92
N ASN B 54 -11.54 6.51 -3.64
CA ASN B 54 -10.91 7.81 -3.89
C ASN B 54 -11.88 8.95 -3.89
N ASN B 55 -13.13 8.76 -3.45
CA ASN B 55 -14.06 9.96 -3.35
C ASN B 55 -13.80 10.78 -2.03
N ARG B 56 -13.37 12.06 -2.16
CA ARG B 56 -13.13 12.87 -0.99
C ARG B 56 -14.48 13.40 -0.44
N ALA B 57 -14.68 13.32 0.88
CA ALA B 57 -15.96 13.72 1.52
C ALA B 57 -16.06 15.23 1.41
N PRO B 58 -17.32 15.78 1.37
CA PRO B 58 -17.40 17.28 1.25
C PRO B 58 -16.77 17.93 2.45
N GLY B 59 -16.09 19.04 2.22
CA GLY B 59 -15.49 19.80 3.31
C GLY B 59 -14.18 19.26 3.83
N VAL B 60 -13.70 18.17 3.25
CA VAL B 60 -12.41 17.62 3.63
C VAL B 60 -11.36 18.28 2.78
N PRO B 61 -10.26 18.75 3.41
CA PRO B 61 -9.16 19.38 2.66
C PRO B 61 -8.59 18.47 1.56
N ALA B 62 -8.09 19.13 0.51
CA ALA B 62 -7.57 18.47 -0.70
C ALA B 62 -6.28 17.70 -0.42
N ARG B 63 -5.59 18.00 0.68
CA ARG B 63 -4.30 17.40 0.95
C ARG B 63 -4.51 15.88 1.31
N PHE B 64 -5.78 15.50 1.54
CA PHE B 64 -6.15 14.05 1.73
C PHE B 64 -6.55 13.46 0.39
N SER B 65 -5.93 12.35 -0.02
CA SER B 65 -6.33 11.68 -1.24
CA SER B 65 -6.28 11.68 -1.25
C SER B 65 -6.25 10.16 -1.03
N GLY B 66 -7.23 9.46 -1.58
CA GLY B 66 -7.30 7.99 -1.40
C GLY B 66 -6.90 7.35 -2.73
N SER B 67 -6.27 6.19 -2.71
CA SER B 67 -5.97 5.47 -3.98
C SER B 67 -5.82 3.95 -3.70
N LEU B 68 -5.63 3.16 -4.76
CA LEU B 68 -5.02 1.86 -4.63
C LEU B 68 -3.52 2.04 -4.87
N ILE B 69 -2.70 1.29 -4.14
CA ILE B 69 -1.26 1.21 -4.48
C ILE B 69 -1.01 -0.29 -4.60
N GLY B 70 -0.85 -0.75 -5.86
CA GLY B 70 -0.88 -2.21 -6.16
C GLY B 70 -2.05 -2.92 -5.47
N ASP B 71 -1.75 -3.92 -4.65
CA ASP B 71 -2.79 -4.72 -3.97
C ASP B 71 -3.39 -4.15 -2.63
N LYS B 72 -3.08 -2.90 -2.30
CA LYS B 72 -3.59 -2.28 -1.07
C LYS B 72 -4.32 -0.99 -1.41
N ALA B 73 -5.25 -0.61 -0.52
CA ALA B 73 -5.80 0.76 -0.53
C ALA B 73 -4.86 1.66 0.30
N ALA B 74 -4.85 2.94 -0.04
CA ALA B 74 -3.94 3.86 0.63
C ALA B 74 -4.55 5.25 0.81
N LEU B 75 -4.21 5.87 1.92
CA LEU B 75 -4.50 7.29 2.12
C LEU B 75 -3.22 8.08 2.10
N THR B 76 -3.17 9.07 1.23
CA THR B 76 -1.97 9.93 1.15
C THR B 76 -2.30 11.35 1.68
N ILE B 77 -1.51 11.81 2.62
CA ILE B 77 -1.73 13.13 3.14
C ILE B 77 -0.49 13.91 2.66
N THR B 78 -0.73 14.82 1.70
CA THR B 78 0.33 15.67 1.10
C THR B 78 0.42 17.00 1.81
N GLY B 79 1.52 17.21 2.53
CA GLY B 79 1.72 18.46 3.32
C GLY B 79 0.92 18.37 4.60
N ALA B 80 1.26 17.41 5.45
CA ALA B 80 0.55 17.12 6.69
C ALA B 80 0.58 18.34 7.62
N GLN B 81 -0.48 18.58 8.38
CA GLN B 81 -0.62 19.72 9.31
C GLN B 81 -0.71 19.19 10.71
N THR B 82 -0.37 20.02 11.73
CA THR B 82 -0.43 19.53 13.11
C THR B 82 -1.81 19.01 13.54
N GLU B 83 -2.89 19.62 13.01
CA GLU B 83 -4.21 19.19 13.33
C GLU B 83 -4.56 17.83 12.68
N ASP B 84 -3.70 17.29 11.80
CA ASP B 84 -3.86 15.90 11.30
C ASP B 84 -3.43 14.75 12.19
N GLU B 85 -2.87 15.10 13.35
CA GLU B 85 -2.50 14.15 14.41
C GLU B 85 -3.80 13.54 14.93
N ALA B 86 -4.02 12.26 14.62
CA ALA B 86 -5.37 11.63 14.79
C ALA B 86 -5.17 10.17 14.51
N ILE B 87 -6.22 9.35 14.74
CA ILE B 87 -6.23 7.96 14.35
C ILE B 87 -6.99 7.84 13.04
N TYR B 88 -6.43 7.10 12.10
CA TYR B 88 -7.08 6.83 10.80
C TYR B 88 -7.47 5.38 10.63
N PHE B 89 -8.75 5.14 10.32
CA PHE B 89 -9.22 3.76 10.12
C PHE B 89 -9.56 3.60 8.68
N CYS B 90 -9.21 2.45 8.14
CA CYS B 90 -9.79 2.09 6.84
CA CYS B 90 -9.71 2.00 6.84
C CYS B 90 -10.90 1.05 7.02
N ALA B 91 -11.86 1.03 6.07
CA ALA B 91 -12.88 0.00 6.11
C ALA B 91 -13.05 -0.49 4.69
N LEU B 92 -13.13 -1.82 4.56
CA LEU B 92 -13.36 -2.49 3.30
C LEU B 92 -14.71 -3.16 3.21
N TRP B 93 -15.32 -3.07 2.04
CA TRP B 93 -16.62 -3.73 1.77
C TRP B 93 -16.48 -5.13 1.12
N TYR B 94 -17.13 -6.15 1.70
CA TYR B 94 -17.00 -7.54 1.26
C TYR B 94 -18.40 -8.01 0.92
N SER B 95 -18.93 -7.52 -0.19
CA SER B 95 -20.20 -7.97 -0.83
C SER B 95 -21.50 -7.54 -0.16
N ASN B 96 -21.54 -7.64 1.17
CA ASN B 96 -22.71 -7.25 1.96
C ASN B 96 -22.38 -6.78 3.40
N HIS B 97 -21.12 -6.48 3.72
CA HIS B 97 -20.73 -5.98 5.05
C HIS B 97 -19.42 -5.21 4.96
N TRP B 98 -19.24 -4.22 5.85
CA TRP B 98 -17.98 -3.49 6.01
C TRP B 98 -17.12 -4.15 7.07
N VAL B 99 -15.79 -4.11 6.91
CA VAL B 99 -14.86 -4.57 7.96
C VAL B 99 -13.87 -3.44 8.16
N PHE B 100 -13.62 -3.07 9.43
CA PHE B 100 -12.62 -2.06 9.77
C PHE B 100 -11.25 -2.64 10.08
N GLY B 101 -10.19 -1.90 9.66
CA GLY B 101 -8.82 -2.16 10.10
C GLY B 101 -8.62 -1.70 11.51
N GLY B 102 -7.43 -1.93 12.06
CA GLY B 102 -7.20 -1.53 13.42
C GLY B 102 -6.94 -0.10 13.73
N GLY B 103 -6.77 0.73 12.70
CA GLY B 103 -6.44 2.14 12.89
C GLY B 103 -4.94 2.37 12.84
N THR B 104 -4.53 3.49 12.27
CA THR B 104 -3.15 3.96 12.40
C THR B 104 -3.09 5.26 13.25
N LYS B 105 -2.27 5.27 14.31
CA LYS B 105 -2.09 6.45 15.13
C LYS B 105 -1.05 7.32 14.44
N LEU B 106 -1.49 8.45 13.87
CA LEU B 106 -0.56 9.37 13.14
C LEU B 106 -0.13 10.45 14.11
N THR B 107 1.19 10.57 14.33
CA THR B 107 1.75 11.70 15.02
C THR B 107 2.23 12.75 13.96
N VAL B 108 1.94 14.04 14.15
CA VAL B 108 2.52 15.10 13.21
C VAL B 108 3.25 16.00 14.18
N LEU B 109 4.58 15.86 14.27
CA LEU B 109 5.36 16.52 15.40
C LEU B 109 5.19 18.04 15.41
N GLY B 110 4.56 18.58 16.46
CA GLY B 110 4.43 20.02 16.63
C GLY B 110 5.43 20.54 17.66
N GLN B 111 6.37 19.66 18.01
CA GLN B 111 7.43 19.86 19.02
C GLN B 111 8.32 18.58 19.00
N PRO B 112 9.56 18.62 19.61
CA PRO B 112 10.44 17.46 19.58
C PRO B 112 9.83 16.29 20.36
N LYS B 113 10.24 15.05 20.05
CA LYS B 113 9.84 13.86 20.83
C LYS B 113 10.22 14.05 22.27
N SER B 114 9.44 13.49 23.19
CA SER B 114 9.69 13.65 24.63
C SER B 114 9.51 12.27 25.27
N SER B 115 10.49 11.87 26.09
CA SER B 115 10.41 10.64 26.90
C SER B 115 9.46 10.77 28.09
N PRO B 116 8.89 9.63 28.60
CA PRO B 116 7.95 9.80 29.73
C PRO B 116 8.56 10.15 31.10
N SER B 117 7.87 10.96 31.88
CA SER B 117 8.14 11.20 33.30
C SER B 117 7.30 10.24 34.12
N VAL B 118 7.95 9.38 34.89
CA VAL B 118 7.25 8.31 35.64
C VAL B 118 7.36 8.59 37.13
N THR B 119 6.25 8.44 37.85
CA THR B 119 6.20 8.51 39.32
C THR B 119 5.39 7.31 39.77
N LEU B 120 5.94 6.62 40.74
CA LEU B 120 5.27 5.47 41.33
C LEU B 120 4.94 5.83 42.76
N PHE B 121 3.65 5.80 43.10
CA PHE B 121 3.20 6.00 44.42
C PHE B 121 2.84 4.61 45.07
N PRO B 122 3.25 4.42 46.31
CA PRO B 122 2.85 3.27 47.11
C PRO B 122 1.44 3.42 47.74
N PRO B 123 0.89 2.31 48.29
CA PRO B 123 -0.42 2.41 48.91
C PRO B 123 -0.34 3.38 50.10
N SER B 124 -1.39 4.19 50.31
CA SER B 124 -1.52 5.00 51.53
C SER B 124 -1.82 4.07 52.72
N SER B 125 -1.41 4.47 53.94
CA SER B 125 -1.79 3.68 55.14
C SER B 125 -3.30 3.72 55.38
N GLU B 126 -3.94 4.81 55.00
CA GLU B 126 -5.40 4.88 54.95
C GLU B 126 -5.99 3.73 54.12
N GLU B 127 -5.48 3.54 52.91
CA GLU B 127 -6.01 2.44 52.09
C GLU B 127 -5.66 1.05 52.70
N LEU B 128 -4.45 0.91 53.24
CA LEU B 128 -4.02 -0.36 53.85
C LEU B 128 -4.94 -0.78 55.00
N GLU B 129 -5.34 0.17 55.85
CA GLU B 129 -6.41 -0.07 56.85
C GLU B 129 -7.66 -0.79 56.32
N THR B 130 -7.94 -0.65 55.02
CA THR B 130 -9.10 -1.35 54.42
C THR B 130 -8.74 -2.78 53.92
N ASN B 131 -7.49 -3.20 54.11
CA ASN B 131 -6.96 -4.47 53.59
C ASN B 131 -6.74 -4.53 52.09
N LYS B 132 -6.64 -3.36 51.45
CA LYS B 132 -6.40 -3.27 50.01
C LYS B 132 -5.19 -2.41 49.79
N ALA B 133 -4.44 -2.68 48.74
CA ALA B 133 -3.31 -1.82 48.36
C ALA B 133 -3.40 -1.49 46.88
N THR B 134 -3.15 -0.21 46.51
CA THR B 134 -3.12 0.21 45.09
C THR B 134 -1.78 0.89 44.88
N LEU B 135 -0.97 0.38 43.98
CA LEU B 135 0.14 1.19 43.51
C LEU B 135 -0.38 2.02 42.33
N VAL B 136 0.09 3.27 42.24
CA VAL B 136 -0.29 4.21 41.17
C VAL B 136 0.98 4.64 40.43
N CYS B 137 1.02 4.35 39.12
CA CYS B 137 2.12 4.75 38.32
C CYS B 137 1.62 5.78 37.28
N THR B 138 1.97 7.04 37.52
CA THR B 138 1.61 8.14 36.64
C THR B 138 2.69 8.38 35.62
N ILE B 139 2.27 8.75 34.42
CA ILE B 139 3.15 8.68 33.29
C ILE B 139 2.84 9.92 32.45
N THR B 140 3.72 10.91 32.46
CA THR B 140 3.36 12.22 31.77
C THR B 140 4.44 12.62 30.77
N ASP B 141 4.10 13.62 29.94
CA ASP B 141 5.04 14.33 29.07
C ASP B 141 5.73 13.47 28.05
N PHE B 142 5.01 12.50 27.47
CA PHE B 142 5.59 11.67 26.42
C PHE B 142 5.00 11.98 25.08
N TYR B 143 5.85 11.88 24.04
CA TYR B 143 5.42 12.20 22.66
C TYR B 143 6.35 11.46 21.74
N PRO B 144 5.85 10.72 20.76
CA PRO B 144 4.46 10.50 20.43
C PRO B 144 3.67 9.83 21.57
N GLY B 145 2.33 9.88 21.46
CA GLY B 145 1.43 9.50 22.53
C GLY B 145 1.14 8.02 22.63
N VAL B 146 2.17 7.19 22.66
CA VAL B 146 1.99 5.72 22.76
C VAL B 146 3.02 5.14 23.72
N VAL B 147 2.58 4.36 24.70
CA VAL B 147 3.52 3.70 25.57
C VAL B 147 3.01 2.30 25.87
N THR B 148 3.88 1.39 26.25
CA THR B 148 3.38 0.15 26.92
C THR B 148 3.93 0.12 28.37
N VAL B 149 3.23 -0.56 29.27
CA VAL B 149 3.55 -0.53 30.68
C VAL B 149 3.64 -1.96 31.18
N ASP B 150 4.74 -2.24 31.88
CA ASP B 150 4.99 -3.54 32.46
C ASP B 150 5.32 -3.37 33.94
N TRP B 151 4.68 -4.19 34.76
CA TRP B 151 4.94 -4.25 36.17
C TRP B 151 5.66 -5.54 36.61
N LYS B 152 6.43 -5.40 37.68
CA LYS B 152 7.24 -6.49 38.20
C LYS B 152 7.16 -6.48 39.71
N VAL B 153 6.91 -7.66 40.29
CA VAL B 153 6.85 -7.78 41.73
C VAL B 153 7.91 -8.82 42.08
N ASP B 154 8.84 -8.40 42.93
CA ASP B 154 10.08 -9.16 43.25
C ASP B 154 10.68 -9.70 41.96
N GLY B 155 10.82 -8.83 40.98
CA GLY B 155 11.40 -9.25 39.72
C GLY B 155 10.55 -10.01 38.75
N THR B 156 9.34 -10.44 39.14
CA THR B 156 8.55 -11.30 38.23
C THR B 156 7.39 -10.50 37.53
N PRO B 157 7.21 -10.68 36.20
CA PRO B 157 6.08 -9.97 35.56
C PRO B 157 4.74 -10.20 36.22
N VAL B 158 3.98 -9.12 36.38
CA VAL B 158 2.65 -9.21 36.97
C VAL B 158 1.62 -8.90 35.91
N THR B 159 0.68 -9.81 35.73
CA THR B 159 -0.37 -9.53 34.76
C THR B 159 -1.74 -9.18 35.42
N GLN B 160 -2.02 -9.85 36.52
CA GLN B 160 -3.29 -9.79 37.16
C GLN B 160 -3.46 -8.51 38.00
N GLY B 161 -4.69 -7.98 38.04
CA GLY B 161 -5.05 -6.82 38.87
C GLY B 161 -4.37 -5.52 38.46
N MET B 162 -3.95 -5.46 37.18
CA MET B 162 -3.33 -4.29 36.51
C MET B 162 -4.30 -3.59 35.54
N GLU B 163 -4.44 -2.28 35.61
CA GLU B 163 -5.29 -1.55 34.65
C GLU B 163 -4.52 -0.30 34.25
N THR B 164 -4.59 0.09 32.98
CA THR B 164 -3.83 1.20 32.44
C THR B 164 -4.80 2.06 31.64
N THR B 165 -4.73 3.39 31.78
CA THR B 165 -5.54 4.26 30.90
C THR B 165 -4.98 4.34 29.48
N GLN B 166 -5.88 4.66 28.54
CA GLN B 166 -5.46 5.02 27.16
C GLN B 166 -4.73 6.34 27.30
N PRO B 167 -3.72 6.59 26.48
CA PRO B 167 -3.05 7.89 26.58
C PRO B 167 -3.98 9.03 26.26
N SER B 168 -3.81 10.16 26.93
CA SER B 168 -4.63 11.31 26.55
C SER B 168 -3.75 12.59 26.44
N LYS B 169 -4.23 13.55 25.66
CA LYS B 169 -3.38 14.69 25.30
C LYS B 169 -3.38 15.75 26.40
N GLN B 170 -2.19 16.14 26.88
CA GLN B 170 -2.07 17.20 27.92
C GLN B 170 -2.22 18.56 27.23
N SER B 171 -2.41 19.64 28.02
CA SER B 171 -2.56 20.98 27.43
C SER B 171 -1.30 21.47 26.69
N ASN B 172 -0.11 20.98 27.08
CA ASN B 172 1.12 21.20 26.30
C ASN B 172 1.28 20.29 25.06
N ASN B 173 0.25 19.50 24.75
CA ASN B 173 0.18 18.60 23.54
C ASN B 173 1.09 17.37 23.53
N LYS B 174 1.88 17.20 24.59
CA LYS B 174 2.42 15.85 24.91
C LYS B 174 1.29 15.00 25.50
N TYR B 175 1.59 13.74 25.84
CA TYR B 175 0.55 12.82 26.35
C TYR B 175 0.82 12.24 27.73
N MET B 176 -0.26 11.78 28.40
CA MET B 176 -0.24 11.18 29.73
C MET B 176 -1.03 9.89 29.78
N ALA B 177 -0.63 9.03 30.69
CA ALA B 177 -1.36 7.80 30.94
C ALA B 177 -1.13 7.46 32.40
N SER B 178 -2.01 6.64 32.99
CA SER B 178 -1.79 6.15 34.37
C SER B 178 -2.04 4.64 34.37
N SER B 179 -1.31 3.96 35.24
CA SER B 179 -1.47 2.51 35.43
C SER B 179 -1.58 2.23 36.90
N TYR B 180 -2.37 1.17 37.23
CA TYR B 180 -2.63 0.77 38.58
C TYR B 180 -2.36 -0.70 38.81
N LEU B 181 -1.73 -1.02 39.95
CA LEU B 181 -1.66 -2.40 40.39
C LEU B 181 -2.38 -2.54 41.72
N THR B 182 -3.33 -3.45 41.78
CA THR B 182 -4.15 -3.65 42.94
C THR B 182 -3.87 -5.00 43.55
N LEU B 183 -3.56 -4.96 44.85
CA LEU B 183 -3.21 -6.15 45.63
C LEU B 183 -4.00 -6.12 46.91
N THR B 184 -4.00 -7.25 47.65
CA THR B 184 -4.49 -7.17 49.01
C THR B 184 -3.37 -6.57 49.86
N ALA B 185 -3.72 -6.08 51.05
CA ALA B 185 -2.69 -5.68 52.01
C ALA B 185 -1.76 -6.85 52.34
N ARG B 186 -2.30 -8.06 52.53
CA ARG B 186 -1.40 -9.20 52.84
C ARG B 186 -0.39 -9.43 51.70
N ALA B 187 -0.87 -9.38 50.44
CA ALA B 187 0.02 -9.54 49.24
C ALA B 187 1.11 -8.42 49.15
N TRP B 188 0.74 -7.20 49.52
CA TRP B 188 1.66 -6.04 49.60
C TRP B 188 2.76 -6.29 50.65
N GLU B 189 2.35 -6.68 51.86
CA GLU B 189 3.27 -7.04 52.96
C GLU B 189 4.17 -8.27 52.66
N ARG B 190 3.77 -9.11 51.70
CA ARG B 190 4.47 -10.37 51.34
C ARG B 190 5.69 -10.26 50.42
N HIS B 191 5.87 -9.10 49.77
CA HIS B 191 6.89 -8.90 48.74
C HIS B 191 7.59 -7.59 49.02
N SER B 192 8.82 -7.45 48.56
CA SER B 192 9.56 -6.24 48.92
C SER B 192 9.74 -5.19 47.78
N SER B 193 10.01 -5.64 46.56
CA SER B 193 10.25 -4.75 45.43
C SER B 193 9.11 -4.71 44.39
N TYR B 194 8.83 -3.51 43.92
CA TYR B 194 7.72 -3.21 43.03
C TYR B 194 8.26 -2.22 42.00
N SER B 195 7.99 -2.52 40.73
CA SER B 195 8.52 -1.78 39.63
C SER B 195 7.43 -1.49 38.59
N CYS B 196 7.40 -0.23 38.14
CA CYS B 196 6.58 0.21 37.00
C CYS B 196 7.56 0.59 35.92
N GLN B 197 7.50 -0.08 34.79
CA GLN B 197 8.40 0.12 33.67
C GLN B 197 7.56 0.55 32.44
N VAL B 198 7.93 1.70 31.87
CA VAL B 198 7.24 2.33 30.76
C VAL B 198 8.16 2.32 29.56
N THR B 199 7.73 1.67 28.49
CA THR B 199 8.51 1.65 27.24
C THR B 199 7.90 2.64 26.22
N HIS B 200 8.77 3.53 25.70
CA HIS B 200 8.38 4.59 24.77
C HIS B 200 9.48 4.69 23.72
N GLU B 201 9.07 4.52 22.48
CA GLU B 201 9.96 4.60 21.34
C GLU B 201 11.13 3.61 21.47
N GLY B 202 10.85 2.41 22.00
CA GLY B 202 11.85 1.36 22.23
C GLY B 202 12.87 1.68 23.32
N HIS B 203 12.55 2.63 24.20
CA HIS B 203 13.38 2.88 25.37
C HIS B 203 12.58 2.82 26.64
N THR B 204 13.12 2.21 27.69
CA THR B 204 12.39 1.94 28.94
C THR B 204 12.78 2.92 30.03
N VAL B 205 11.79 3.53 30.67
CA VAL B 205 11.98 4.37 31.85
C VAL B 205 11.29 3.63 33.00
N GLU B 206 12.01 3.50 34.09
CA GLU B 206 11.59 2.66 35.17
C GLU B 206 11.55 3.37 36.51
N LYS B 207 10.59 3.02 37.36
CA LYS B 207 10.53 3.52 38.73
C LYS B 207 10.16 2.40 39.66
N SER B 208 10.83 2.40 40.81
CA SER B 208 10.87 1.28 41.73
C SER B 208 10.77 1.81 43.11
N LEU B 209 10.20 0.98 43.97
CA LEU B 209 10.33 1.17 45.40
C LEU B 209 10.54 -0.20 46.05
N SER B 210 11.16 -0.19 47.25
CA SER B 210 11.14 -1.32 48.19
C SER B 210 10.30 -0.92 49.36
N ARG B 211 9.49 -1.83 49.91
CA ARG B 211 8.73 -1.41 51.11
C ARG B 211 9.54 -1.44 52.43
N ALA B 212 10.79 -1.91 52.33
CA ALA B 212 11.78 -1.95 53.41
C ALA B 212 12.65 -0.68 53.52
N ASP B 213 12.82 0.02 52.40
CA ASP B 213 13.94 0.98 52.14
C ASP B 213 13.58 2.15 51.27
N CYS B 214 14.44 3.19 51.29
CA CYS B 214 14.42 4.27 50.28
C CYS B 214 15.45 4.08 49.14
N SER B 215 15.90 2.83 48.92
CA SER B 215 16.97 2.52 47.92
C SER B 215 16.59 2.95 46.49
N GLN C 1 19.55 -11.76 0.95
CA GLN C 1 19.21 -11.58 -0.48
C GLN C 1 18.66 -10.13 -0.67
N VAL C 2 19.37 -9.27 -1.42
CA VAL C 2 18.85 -7.90 -1.66
C VAL C 2 17.63 -8.04 -2.57
N GLN C 3 16.50 -7.42 -2.25
CA GLN C 3 15.36 -7.45 -3.20
C GLN C 3 14.54 -6.17 -3.17
N LEU C 4 14.14 -5.72 -4.38
CA LEU C 4 13.34 -4.53 -4.55
C LEU C 4 12.03 -5.02 -5.19
N GLN C 5 10.95 -4.98 -4.38
CA GLN C 5 9.69 -5.60 -4.76
C GLN C 5 8.72 -4.48 -5.16
N GLN C 6 8.40 -4.43 -6.43
CA GLN C 6 7.51 -3.39 -6.93
C GLN C 6 6.09 -3.82 -6.99
N SER C 7 5.18 -2.83 -6.96
CA SER C 7 3.76 -3.09 -6.98
C SER C 7 3.26 -3.52 -8.35
N ALA C 8 2.07 -4.14 -8.38
CA ALA C 8 1.50 -4.72 -9.57
C ALA C 8 1.13 -3.71 -10.68
N ALA C 9 1.07 -4.21 -11.92
CA ALA C 9 0.67 -3.45 -13.09
C ALA C 9 -0.59 -2.63 -12.82
N GLU C 10 -0.62 -1.42 -13.40
CA GLU C 10 -1.77 -0.59 -13.24
C GLU C 10 -2.32 -0.13 -14.56
N LEU C 11 -3.64 -0.09 -14.61
CA LEU C 11 -4.30 0.56 -15.74
C LEU C 11 -4.85 1.92 -15.26
N ALA C 12 -4.66 2.99 -16.05
CA ALA C 12 -5.20 4.31 -15.64
C ALA C 12 -5.72 5.07 -16.85
N ARG C 13 -6.60 6.06 -16.64
CA ARG C 13 -7.14 6.90 -17.74
C ARG C 13 -6.33 8.14 -17.92
N PRO C 14 -6.32 8.70 -19.15
CA PRO C 14 -5.64 9.97 -19.35
C PRO C 14 -6.13 11.04 -18.36
N GLY C 15 -5.19 11.82 -17.80
CA GLY C 15 -5.46 12.85 -16.81
C GLY C 15 -5.57 12.39 -15.38
N ALA C 16 -5.70 11.08 -15.15
CA ALA C 16 -5.70 10.53 -13.81
C ALA C 16 -4.25 10.36 -13.22
N SER C 17 -4.17 9.77 -12.03
CA SER C 17 -2.92 9.60 -11.25
C SER C 17 -2.68 8.11 -10.94
N VAL C 18 -1.42 7.66 -10.93
CA VAL C 18 -1.11 6.38 -10.41
C VAL C 18 -0.03 6.54 -9.34
N LYS C 19 -0.12 5.70 -8.29
CA LYS C 19 0.94 5.65 -7.26
C LYS C 19 1.39 4.20 -7.04
N MET C 20 2.69 3.99 -7.14
CA MET C 20 3.27 2.67 -7.13
C MET C 20 4.35 2.67 -6.01
N SER C 21 4.71 1.45 -5.60
CA SER C 21 5.60 1.25 -4.48
C SER C 21 6.73 0.29 -4.86
N CYS C 22 7.79 0.39 -4.06
CA CYS C 22 9.02 -0.36 -4.24
C CYS C 22 9.50 -0.70 -2.83
N LYS C 23 9.22 -1.94 -2.40
CA LYS C 23 9.57 -2.38 -1.07
C LYS C 23 11.03 -2.98 -1.06
N ALA C 24 11.86 -2.45 -0.19
CA ALA C 24 13.28 -2.91 -0.11
C ALA C 24 13.39 -3.89 1.01
N SER C 25 14.06 -5.02 0.72
CA SER C 25 14.48 -5.97 1.78
C SER C 25 15.90 -6.53 1.56
N GLY C 26 16.50 -6.98 2.68
CA GLY C 26 17.81 -7.66 2.70
C GLY C 26 18.94 -6.67 2.69
N TYR C 27 18.63 -5.41 2.98
CA TYR C 27 19.58 -4.34 3.29
C TYR C 27 18.83 -3.29 4.08
N THR C 28 19.54 -2.31 4.65
CA THR C 28 18.90 -1.22 5.37
C THR C 28 18.55 -0.12 4.40
N PHE C 29 17.23 0.07 4.19
CA PHE C 29 16.71 0.99 3.20
C PHE C 29 17.31 2.39 3.31
N THR C 30 17.49 2.88 4.53
CA THR C 30 17.89 4.25 4.70
C THR C 30 19.38 4.51 4.47
N ARG C 31 20.18 3.46 4.23
CA ARG C 31 21.65 3.60 3.92
C ARG C 31 21.99 3.89 2.44
N TYR C 32 20.96 3.92 1.59
CA TYR C 32 21.08 4.04 0.12
C TYR C 32 19.99 5.00 -0.41
N THR C 33 20.23 5.59 -1.58
CA THR C 33 19.21 6.29 -2.32
C THR C 33 18.30 5.30 -3.06
N MET C 34 17.16 5.79 -3.50
CA MET C 34 16.30 5.04 -4.41
C MET C 34 16.03 5.87 -5.64
N HIS C 35 16.38 5.30 -6.81
CA HIS C 35 16.28 5.94 -8.11
C HIS C 35 15.12 5.31 -8.82
N TRP C 36 14.58 6.07 -9.75
CA TRP C 36 13.52 5.58 -10.61
C TRP C 36 13.86 5.84 -12.04
N ILE C 37 13.46 4.89 -12.86
CA ILE C 37 13.78 4.88 -14.28
C ILE C 37 12.53 4.45 -15.08
N LYS C 38 12.35 5.10 -16.24
CA LYS C 38 11.24 4.86 -17.15
C LYS C 38 11.73 4.15 -18.40
N GLN C 39 10.98 3.13 -18.84
CA GLN C 39 11.32 2.46 -20.13
C GLN C 39 10.14 2.39 -21.08
N ARG C 40 10.38 2.86 -22.31
CA ARG C 40 9.41 2.73 -23.41
C ARG C 40 10.07 2.02 -24.58
N PRO C 41 9.34 1.11 -25.25
CA PRO C 41 10.02 0.37 -26.37
C PRO C 41 10.66 1.35 -27.39
N GLY C 42 9.96 2.40 -27.77
CA GLY C 42 10.47 3.34 -28.76
C GLY C 42 11.65 4.20 -28.32
N GLN C 43 11.54 4.81 -27.13
CA GLN C 43 12.48 5.83 -26.66
C GLN C 43 13.53 5.31 -25.63
N GLY C 44 13.54 4.00 -25.32
CA GLY C 44 14.50 3.43 -24.36
C GLY C 44 14.38 3.93 -22.91
N LEU C 45 15.51 3.94 -22.22
CA LEU C 45 15.56 4.29 -20.78
C LEU C 45 15.77 5.75 -20.46
N GLU C 46 15.01 6.22 -19.46
CA GLU C 46 15.08 7.63 -19.11
C GLU C 46 15.16 7.72 -17.59
N TRP C 47 16.07 8.51 -17.06
CA TRP C 47 16.20 8.61 -15.62
C TRP C 47 15.24 9.66 -15.06
N ILE C 48 14.45 9.26 -14.06
CA ILE C 48 13.38 10.11 -13.44
C ILE C 48 13.87 11.04 -12.32
N GLY C 49 14.57 10.44 -11.38
CA GLY C 49 15.10 11.11 -10.16
C GLY C 49 15.35 10.12 -9.07
N TYR C 50 15.63 10.63 -7.87
CA TYR C 50 15.95 9.81 -6.76
C TYR C 50 15.47 10.51 -5.49
N ILE C 51 15.33 9.70 -4.45
CA ILE C 51 15.06 10.13 -3.08
C ILE C 51 16.11 9.51 -2.13
N ASN C 52 16.49 10.29 -1.11
CA ASN C 52 17.29 9.78 -0.03
C ASN C 52 16.30 9.54 1.09
N PRO C 53 16.03 8.27 1.48
CA PRO C 53 15.03 8.07 2.52
C PRO C 53 15.46 8.51 3.89
N SER C 54 16.75 8.52 4.20
CA SER C 54 17.18 8.96 5.56
C SER C 54 16.75 10.41 5.84
N SER C 55 16.97 11.31 4.87
CA SER C 55 16.71 12.76 4.95
C SER C 55 15.46 13.28 4.22
N GLY C 56 14.82 12.43 3.41
CA GLY C 56 13.75 12.92 2.52
C GLY C 56 14.13 13.79 1.32
N TYR C 57 15.43 14.11 1.14
CA TYR C 57 15.93 14.92 0.01
C TYR C 57 15.60 14.22 -1.34
N THR C 58 15.13 15.00 -2.31
CA THR C 58 14.79 14.45 -3.66
C THR C 58 15.42 15.29 -4.74
N GLU C 59 15.74 14.68 -5.87
CA GLU C 59 16.08 15.47 -7.08
C GLU C 59 15.38 14.81 -8.24
N TYR C 60 14.97 15.63 -9.20
CA TYR C 60 14.23 15.23 -10.40
C TYR C 60 14.92 15.69 -11.65
N ASN C 61 14.99 14.81 -12.64
CA ASN C 61 15.22 15.19 -14.00
C ASN C 61 14.12 16.24 -14.36
N GLN C 62 14.55 17.39 -14.92
CA GLN C 62 13.66 18.51 -15.22
C GLN C 62 12.46 18.06 -16.00
N LYS C 63 12.66 17.12 -16.94
CA LYS C 63 11.56 16.58 -17.78
C LYS C 63 10.40 15.92 -16.96
N PHE C 64 10.71 15.40 -15.79
CA PHE C 64 9.72 14.69 -14.99
C PHE C 64 9.19 15.42 -13.76
N ARG C 65 9.76 16.57 -13.45
CA ARG C 65 9.58 17.22 -12.14
C ARG C 65 8.10 17.65 -11.93
N ASP C 66 7.49 18.23 -12.96
CA ASP C 66 6.11 18.71 -12.79
C ASP C 66 5.08 17.61 -12.48
N LYS C 67 5.24 16.44 -13.04
CA LYS C 67 4.21 15.41 -12.93
C LYS C 67 4.58 14.23 -12.04
N THR C 68 5.73 14.27 -11.37
CA THR C 68 6.21 13.14 -10.61
C THR C 68 6.50 13.51 -9.14
N THR C 69 6.14 12.65 -8.17
CA THR C 69 6.46 12.88 -6.74
C THR C 69 7.06 11.64 -6.15
N LEU C 70 8.32 11.73 -5.73
CA LEU C 70 8.96 10.65 -5.02
C LEU C 70 8.79 10.87 -3.51
N THR C 71 8.45 9.81 -2.76
CA THR C 71 8.38 9.89 -1.30
C THR C 71 8.88 8.54 -0.81
N ALA C 72 9.17 8.45 0.50
CA ALA C 72 9.74 7.23 1.10
C ALA C 72 9.23 7.09 2.53
N ASP C 73 9.04 5.86 2.99
CA ASP C 73 8.64 5.63 4.37
C ASP C 73 9.69 4.74 5.06
N LYS C 74 10.40 5.28 6.08
CA LYS C 74 11.57 4.58 6.76
C LYS C 74 11.04 3.33 7.43
N SER C 75 9.89 3.52 8.07
CA SER C 75 9.20 2.49 8.79
C SER C 75 8.96 1.18 8.05
N SER C 76 8.27 1.22 6.91
CA SER C 76 7.99 0.01 6.08
C SER C 76 9.07 -0.28 4.99
N SER C 77 10.18 0.48 4.99
CA SER C 77 11.30 0.34 3.98
C SER C 77 10.75 0.43 2.53
N THR C 78 9.89 1.44 2.27
CA THR C 78 9.19 1.53 0.99
C THR C 78 9.36 2.88 0.39
N ALA C 79 9.72 2.89 -0.91
CA ALA C 79 9.78 4.08 -1.75
C ALA C 79 8.50 4.10 -2.60
N TYR C 80 7.92 5.29 -2.76
CA TYR C 80 6.67 5.45 -3.57
C TYR C 80 6.99 6.49 -4.68
N MET C 81 6.38 6.33 -5.85
CA MET C 81 6.43 7.28 -6.96
C MET C 81 4.96 7.50 -7.42
N GLN C 82 4.58 8.75 -7.53
CA GLN C 82 3.27 9.12 -8.05
C GLN C 82 3.46 9.90 -9.32
N LEU C 83 2.69 9.50 -10.34
CA LEU C 83 2.67 10.07 -11.69
C LEU C 83 1.29 10.64 -11.87
N SER C 84 1.25 11.97 -12.05
CA SER C 84 -0.01 12.72 -12.18
C SER C 84 -0.22 13.20 -13.62
N SER C 85 -1.44 13.69 -13.94
CA SER C 85 -1.86 14.14 -15.33
C SER C 85 -1.38 13.23 -16.45
N LEU C 86 -1.69 11.96 -16.28
CA LEU C 86 -1.15 10.92 -17.14
C LEU C 86 -1.58 11.16 -18.56
N THR C 87 -0.62 10.97 -19.47
CA THR C 87 -0.94 10.90 -20.90
C THR C 87 -0.42 9.59 -21.43
N SER C 88 -0.77 9.31 -22.71
CA SER C 88 -0.18 8.19 -23.43
C SER C 88 1.35 8.03 -23.39
N GLU C 89 2.11 9.12 -23.51
CA GLU C 89 3.59 9.11 -23.33
C GLU C 89 4.00 8.54 -21.94
N ASP C 90 3.07 8.36 -21.00
CA ASP C 90 3.40 7.79 -19.67
C ASP C 90 3.15 6.29 -19.53
N SER C 91 2.58 5.65 -20.55
CA SER C 91 2.50 4.21 -20.67
C SER C 91 3.93 3.74 -20.79
N ALA C 92 4.39 2.94 -19.85
CA ALA C 92 5.80 2.48 -19.74
C ALA C 92 5.99 1.47 -18.64
N VAL C 93 7.19 0.86 -18.59
CA VAL C 93 7.58 0.12 -17.38
C VAL C 93 8.44 1.08 -16.53
N TYR C 94 8.17 1.14 -15.23
CA TYR C 94 8.88 1.98 -14.30
C TYR C 94 9.63 1.10 -13.37
N TYR C 95 10.95 1.37 -13.22
CA TYR C 95 11.78 0.60 -12.26
C TYR C 95 12.22 1.46 -11.08
N CYS C 96 12.36 0.82 -9.92
CA CYS C 96 13.11 1.45 -8.82
C CYS C 96 14.47 0.82 -8.81
N ALA C 97 15.48 1.54 -8.32
CA ALA C 97 16.82 0.96 -8.35
C ALA C 97 17.63 1.54 -7.18
N ARG C 98 18.34 0.67 -6.47
CA ARG C 98 19.13 1.08 -5.25
C ARG C 98 20.41 1.85 -5.54
N GLY C 99 20.51 3.10 -5.08
CA GLY C 99 21.63 4.03 -5.44
C GLY C 99 22.72 3.95 -4.35
N ASP C 100 23.99 3.92 -4.74
CA ASP C 100 25.14 3.73 -3.79
C ASP C 100 26.28 4.62 -4.35
N TYR C 101 26.63 5.74 -3.68
CA TYR C 101 27.60 6.70 -4.30
C TYR C 101 29.04 6.14 -4.27
N ARG C 102 29.28 5.09 -3.47
CA ARG C 102 30.62 4.51 -3.39
C ARG C 102 30.78 3.52 -4.56
N TYR C 103 29.78 2.66 -4.75
CA TYR C 103 29.67 1.91 -6.03
C TYR C 103 29.69 2.88 -7.25
N GLY C 104 29.00 4.03 -7.19
CA GLY C 104 28.98 5.02 -8.26
C GLY C 104 27.77 4.73 -9.16
N GLY C 105 26.65 4.25 -8.56
CA GLY C 105 25.40 4.11 -9.36
C GLY C 105 24.46 3.12 -8.73
N THR C 106 23.70 2.37 -9.54
CA THR C 106 22.67 1.46 -9.04
C THR C 106 23.00 0.01 -9.35
N ALA C 107 23.01 -0.84 -8.33
CA ALA C 107 23.42 -2.21 -8.55
C ALA C 107 22.26 -3.16 -8.63
N TYR C 108 21.13 -2.88 -7.96
CA TYR C 108 20.02 -3.78 -7.91
C TYR C 108 18.84 -3.02 -8.37
N TRP C 109 18.04 -3.59 -9.27
CA TRP C 109 16.82 -2.96 -9.84
C TRP C 109 15.62 -3.81 -9.40
N GLY C 110 14.44 -3.20 -9.09
CA GLY C 110 13.21 -4.03 -8.93
C GLY C 110 12.80 -4.59 -10.31
N GLN C 111 11.69 -5.31 -10.33
CA GLN C 111 11.29 -6.10 -11.47
C GLN C 111 10.41 -5.23 -12.37
N GLY C 112 10.11 -4.01 -11.92
CA GLY C 112 9.40 -3.00 -12.75
C GLY C 112 7.89 -3.07 -12.50
N THR C 113 7.23 -1.92 -12.65
CA THR C 113 5.76 -1.77 -12.66
C THR C 113 5.26 -1.26 -14.01
N LEU C 114 4.43 -2.07 -14.71
CA LEU C 114 3.82 -1.61 -15.97
C LEU C 114 2.65 -0.66 -15.72
N VAL C 115 2.74 0.55 -16.30
CA VAL C 115 1.63 1.47 -16.33
C VAL C 115 1.08 1.58 -17.74
N THR C 116 -0.22 1.31 -17.88
CA THR C 116 -0.90 1.50 -19.18
C THR C 116 -1.92 2.61 -19.04
N VAL C 117 -1.71 3.65 -19.83
CA VAL C 117 -2.59 4.83 -19.83
C VAL C 117 -3.48 4.73 -21.09
N SER C 118 -4.81 4.63 -20.90
CA SER C 118 -5.72 4.48 -22.09
C SER C 118 -7.14 4.87 -21.74
N ALA C 119 -7.86 5.40 -22.72
CA ALA C 119 -9.31 5.65 -22.58
C ALA C 119 -10.17 4.48 -23.11
N ALA C 120 -9.52 3.45 -23.65
CA ALA C 120 -10.22 2.29 -24.23
C ALA C 120 -11.20 1.63 -23.28
N LYS C 121 -12.30 1.14 -23.86
CA LYS C 121 -13.32 0.35 -23.15
C LYS C 121 -12.97 -1.15 -23.10
N THR C 122 -13.36 -1.84 -22.06
CA THR C 122 -13.23 -3.30 -22.06
C THR C 122 -13.92 -3.88 -23.30
N THR C 123 -13.16 -4.64 -24.09
CA THR C 123 -13.61 -5.16 -25.37
C THR C 123 -13.12 -6.61 -25.52
N ALA C 124 -14.06 -7.53 -25.69
CA ALA C 124 -13.71 -8.96 -25.95
C ALA C 124 -13.05 -9.06 -27.35
N PRO C 125 -12.07 -9.98 -27.52
CA PRO C 125 -11.50 -10.07 -28.86
C PRO C 125 -12.44 -10.81 -29.83
N SER C 126 -12.24 -10.55 -31.11
CA SER C 126 -12.72 -11.49 -32.15
C SER C 126 -11.57 -12.35 -32.54
N VAL C 127 -11.86 -13.64 -32.67
CA VAL C 127 -10.83 -14.63 -32.84
C VAL C 127 -11.03 -15.21 -34.27
N TYR C 128 -10.03 -15.07 -35.13
CA TYR C 128 -10.14 -15.55 -36.53
C TYR C 128 -9.22 -16.69 -36.89
N PRO C 129 -9.71 -17.60 -37.75
CA PRO C 129 -8.92 -18.77 -38.04
C PRO C 129 -7.82 -18.42 -39.00
N LEU C 130 -6.62 -18.95 -38.79
CA LEU C 130 -5.52 -18.78 -39.76
C LEU C 130 -5.31 -20.18 -40.39
N ALA C 131 -5.84 -20.35 -41.60
CA ALA C 131 -5.92 -21.65 -42.29
C ALA C 131 -5.02 -21.44 -43.49
N PRO C 132 -4.12 -22.43 -43.80
CA PRO C 132 -3.11 -22.14 -44.80
C PRO C 132 -3.69 -22.26 -46.21
N VAL C 133 -2.94 -21.67 -47.16
CA VAL C 133 -3.07 -21.73 -48.64
C VAL C 133 -4.35 -22.36 -49.27
N CYS C 134 -4.54 -23.69 -49.14
CA CYS C 134 -5.80 -24.37 -49.53
C CYS C 134 -6.58 -24.91 -48.31
N SER C 140 6.76 -31.06 -45.92
CA SER C 140 5.48 -31.72 -45.84
C SER C 140 4.54 -31.18 -44.73
N SER C 141 5.07 -30.90 -43.52
CA SER C 141 4.26 -30.49 -42.33
C SER C 141 3.40 -29.19 -42.50
N VAL C 142 2.37 -28.99 -41.68
CA VAL C 142 1.47 -27.82 -41.86
C VAL C 142 1.34 -26.92 -40.63
N THR C 143 1.30 -25.60 -40.86
CA THR C 143 1.17 -24.58 -39.77
C THR C 143 -0.18 -23.86 -39.85
N LEU C 144 -0.92 -23.84 -38.75
CA LEU C 144 -2.20 -23.09 -38.65
C LEU C 144 -2.05 -22.02 -37.57
N GLY C 145 -3.02 -21.12 -37.45
CA GLY C 145 -3.00 -20.15 -36.34
C GLY C 145 -4.34 -19.58 -35.94
N CYS C 146 -4.37 -18.79 -34.86
CA CYS C 146 -5.50 -17.90 -34.56
C CYS C 146 -5.03 -16.47 -34.52
N LEU C 147 -5.81 -15.60 -35.14
CA LEU C 147 -5.69 -14.15 -34.99
C LEU C 147 -6.63 -13.59 -33.86
N VAL C 148 -6.04 -13.00 -32.80
CA VAL C 148 -6.87 -12.55 -31.67
C VAL C 148 -6.92 -11.04 -31.78
N LYS C 149 -8.03 -10.52 -32.26
CA LYS C 149 -8.00 -9.16 -32.78
C LYS C 149 -8.86 -8.24 -31.94
N GLY C 150 -8.31 -7.12 -31.53
CA GLY C 150 -9.13 -6.00 -31.03
C GLY C 150 -9.65 -6.17 -29.61
N TYR C 151 -8.77 -6.49 -28.66
CA TYR C 151 -9.25 -6.72 -27.31
C TYR C 151 -8.61 -5.68 -26.39
N PHE C 152 -9.29 -5.41 -25.28
CA PHE C 152 -8.78 -4.51 -24.23
C PHE C 152 -9.41 -4.87 -22.89
N PRO C 153 -8.68 -4.90 -21.77
CA PRO C 153 -7.22 -4.70 -21.68
C PRO C 153 -6.47 -6.00 -21.95
N GLU C 154 -5.14 -5.96 -21.80
CA GLU C 154 -4.34 -7.16 -21.65
C GLU C 154 -4.69 -7.76 -20.29
N PRO C 155 -4.57 -9.07 -20.10
CA PRO C 155 -4.06 -9.98 -21.09
C PRO C 155 -5.16 -10.88 -21.69
N VAL C 156 -4.77 -11.69 -22.68
CA VAL C 156 -5.51 -12.89 -23.01
C VAL C 156 -4.69 -14.11 -22.65
N THR C 157 -5.35 -15.27 -22.49
CA THR C 157 -4.55 -16.54 -22.49
C THR C 157 -4.99 -17.32 -23.72
N LEU C 158 -4.06 -18.06 -24.31
CA LEU C 158 -4.34 -18.83 -25.51
C LEU C 158 -3.75 -20.25 -25.35
N THR C 159 -4.57 -21.26 -25.55
CA THR C 159 -4.08 -22.63 -25.67
C THR C 159 -4.60 -23.22 -26.96
N TRP C 160 -4.04 -24.37 -27.33
CA TRP C 160 -4.58 -25.16 -28.47
C TRP C 160 -5.09 -26.47 -27.94
N ASN C 161 -6.28 -26.86 -28.39
CA ASN C 161 -6.86 -28.15 -27.95
C ASN C 161 -6.80 -28.28 -26.42
N SER C 162 -7.17 -27.17 -25.76
CA SER C 162 -7.20 -26.99 -24.30
C SER C 162 -5.88 -27.37 -23.61
N GLY C 163 -4.76 -27.17 -24.27
CA GLY C 163 -3.49 -27.51 -23.68
C GLY C 163 -2.91 -28.84 -24.06
N SER C 164 -3.66 -29.70 -24.74
CA SER C 164 -3.08 -30.95 -25.27
C SER C 164 -2.09 -30.78 -26.40
N LEU C 165 -2.26 -29.74 -27.22
CA LEU C 165 -1.27 -29.47 -28.26
C LEU C 165 -0.36 -28.42 -27.69
N SER C 166 0.85 -28.81 -27.30
CA SER C 166 1.78 -27.84 -26.78
C SER C 166 3.09 -27.73 -27.53
N SER C 167 3.55 -28.80 -28.16
CA SER C 167 4.81 -28.66 -28.88
C SER C 167 4.57 -28.01 -30.27
N GLY C 168 5.54 -27.25 -30.75
CA GLY C 168 5.39 -26.48 -31.97
C GLY C 168 4.34 -25.36 -31.90
N VAL C 169 4.02 -24.89 -30.69
CA VAL C 169 3.12 -23.75 -30.49
C VAL C 169 3.94 -22.48 -30.37
N HIS C 170 3.50 -21.40 -31.02
CA HIS C 170 4.17 -20.12 -30.97
C HIS C 170 3.14 -18.99 -30.86
N THR C 171 3.08 -18.38 -29.67
CA THR C 171 2.25 -17.24 -29.40
C THR C 171 3.09 -15.97 -29.34
N PHE C 172 2.74 -15.05 -30.22
CA PHE C 172 3.52 -13.84 -30.48
C PHE C 172 3.13 -12.66 -29.56
N PRO C 173 4.00 -11.63 -29.42
CA PRO C 173 3.61 -10.38 -28.65
C PRO C 173 2.37 -9.68 -29.21
N ALA C 174 1.60 -8.99 -28.35
CA ALA C 174 0.47 -8.18 -28.81
C ALA C 174 1.02 -6.92 -29.50
N VAL C 175 0.29 -6.36 -30.45
CA VAL C 175 0.57 -5.00 -30.98
C VAL C 175 -0.66 -4.15 -30.64
N LEU C 176 -0.49 -2.84 -30.58
CA LEU C 176 -1.61 -1.93 -30.36
C LEU C 176 -2.03 -1.42 -31.73
N GLN C 177 -3.28 -1.71 -32.10
CA GLN C 177 -3.94 -1.27 -33.37
C GLN C 177 -5.09 -0.36 -32.97
N SER C 178 -5.08 0.87 -33.48
CA SER C 178 -5.91 1.97 -32.97
C SER C 178 -5.61 2.02 -31.46
N ASP C 179 -6.62 1.72 -30.65
CA ASP C 179 -6.43 1.72 -29.23
C ASP C 179 -6.74 0.33 -28.67
N LEU C 180 -6.76 -0.69 -29.55
CA LEU C 180 -6.99 -2.13 -29.12
C LEU C 180 -5.79 -3.05 -29.42
N TYR C 181 -5.68 -4.15 -28.67
CA TYR C 181 -4.60 -5.11 -28.86
C TYR C 181 -4.98 -6.23 -29.82
N THR C 182 -3.95 -6.72 -30.49
CA THR C 182 -4.02 -7.89 -31.36
C THR C 182 -2.80 -8.77 -31.16
N LEU C 183 -3.03 -10.08 -31.03
CA LEU C 183 -1.92 -11.01 -31.05
C LEU C 183 -2.28 -12.18 -31.94
N SER C 184 -1.28 -13.01 -32.26
CA SER C 184 -1.54 -14.27 -32.94
C SER C 184 -0.82 -15.41 -32.29
N SER C 185 -1.31 -16.62 -32.59
CA SER C 185 -0.57 -17.84 -32.25
C SER C 185 -0.52 -18.78 -33.45
N SER C 186 0.59 -19.48 -33.65
CA SER C 186 0.66 -20.49 -34.65
C SER C 186 0.94 -21.85 -33.97
N VAL C 187 0.57 -22.95 -34.63
CA VAL C 187 0.94 -24.33 -34.19
C VAL C 187 1.29 -25.14 -35.44
N THR C 188 2.41 -25.87 -35.40
CA THR C 188 2.81 -26.73 -36.51
C THR C 188 2.57 -28.15 -36.13
N VAL C 189 1.94 -28.91 -37.06
CA VAL C 189 1.66 -30.34 -36.93
C VAL C 189 2.12 -30.98 -38.28
N THR C 190 2.11 -32.30 -38.39
CA THR C 190 2.56 -32.96 -39.66
C THR C 190 1.48 -32.87 -40.78
N SER C 191 1.88 -33.05 -42.05
CA SER C 191 0.94 -32.93 -43.24
C SER C 191 -0.39 -33.65 -43.06
N SER C 192 -0.29 -34.91 -42.60
CA SER C 192 -1.46 -35.77 -42.48
C SER C 192 -2.36 -35.46 -41.25
N THR C 193 -1.82 -34.74 -40.25
CA THR C 193 -2.56 -34.47 -39.03
C THR C 193 -3.85 -33.68 -39.29
N TRP C 194 -3.76 -32.59 -40.05
CA TRP C 194 -4.89 -31.68 -40.23
C TRP C 194 -5.31 -31.53 -41.73
N PRO C 195 -6.61 -31.59 -42.08
CA PRO C 195 -7.76 -31.60 -41.14
C PRO C 195 -8.33 -32.95 -40.67
N SER C 196 -7.59 -34.07 -40.78
CA SER C 196 -8.05 -35.38 -40.25
C SER C 196 -8.43 -35.24 -38.75
N GLN C 197 -7.50 -34.63 -38.01
CA GLN C 197 -7.68 -34.26 -36.63
C GLN C 197 -8.33 -32.83 -36.57
N SER C 198 -9.20 -32.61 -35.59
CA SER C 198 -9.73 -31.27 -35.32
C SER C 198 -8.72 -30.47 -34.44
N ILE C 199 -8.52 -29.18 -34.75
CA ILE C 199 -7.56 -28.31 -34.04
C ILE C 199 -8.32 -27.01 -33.69
N THR C 200 -8.27 -26.64 -32.41
CA THR C 200 -9.09 -25.56 -31.88
C THR C 200 -8.19 -24.68 -31.07
N CYS C 201 -8.23 -23.38 -31.33
CA CYS C 201 -7.56 -22.53 -30.38
C CYS C 201 -8.52 -21.94 -29.35
N ASN C 202 -8.05 -21.97 -28.10
CA ASN C 202 -8.90 -21.55 -26.98
C ASN C 202 -8.39 -20.26 -26.41
N VAL C 203 -9.16 -19.21 -26.59
CA VAL C 203 -8.77 -17.90 -26.16
C VAL C 203 -9.67 -17.51 -24.97
N ALA C 204 -9.04 -17.04 -23.91
CA ALA C 204 -9.76 -16.52 -22.73
C ALA C 204 -9.39 -15.08 -22.47
N HIS C 205 -10.41 -14.25 -22.16
CA HIS C 205 -10.18 -12.80 -21.88
C HIS C 205 -10.85 -12.46 -20.56
N PRO C 206 -10.13 -12.68 -19.44
CA PRO C 206 -10.69 -12.46 -18.11
C PRO C 206 -11.44 -11.12 -17.98
N ALA C 207 -10.88 -10.03 -18.50
CA ALA C 207 -11.47 -8.73 -18.28
C ALA C 207 -12.91 -8.63 -18.78
N SER C 208 -13.19 -9.24 -19.93
CA SER C 208 -14.57 -9.32 -20.41
C SER C 208 -15.32 -10.64 -20.05
N SER C 209 -14.76 -11.50 -19.20
CA SER C 209 -15.30 -12.85 -18.86
C SER C 209 -15.65 -13.72 -20.09
N THR C 210 -14.91 -13.52 -21.18
CA THR C 210 -15.20 -14.15 -22.44
C THR C 210 -14.18 -15.26 -22.80
N LYS C 211 -14.70 -16.37 -23.34
CA LYS C 211 -13.85 -17.42 -23.86
C LYS C 211 -14.33 -17.66 -25.28
N VAL C 212 -13.38 -17.92 -26.18
CA VAL C 212 -13.72 -18.23 -27.58
C VAL C 212 -12.92 -19.49 -27.87
N ASP C 213 -13.62 -20.51 -28.35
CA ASP C 213 -13.03 -21.77 -28.77
C ASP C 213 -13.25 -21.91 -30.27
N LYS C 214 -12.26 -21.44 -31.05
CA LYS C 214 -12.38 -21.41 -32.52
C LYS C 214 -11.69 -22.61 -33.18
N LYS C 215 -12.49 -23.46 -33.81
CA LYS C 215 -11.96 -24.66 -34.46
C LYS C 215 -11.43 -24.21 -35.79
N ILE C 216 -10.22 -24.62 -36.18
CA ILE C 216 -9.66 -24.21 -37.49
C ILE C 216 -10.09 -25.19 -38.60
N ASP C 217 -10.91 -24.69 -39.51
CA ASP C 217 -11.45 -25.49 -40.62
C ASP C 217 -10.70 -25.19 -41.98
N PRO C 218 -10.68 -26.16 -42.94
CA PRO C 218 -9.97 -25.90 -44.23
C PRO C 218 -10.59 -24.78 -45.07
N ALA C 219 -9.74 -24.02 -45.77
CA ALA C 219 -10.12 -22.82 -46.53
C ALA C 219 -10.90 -23.16 -47.80
N GLN D 1 20.40 18.58 -25.13
CA GLN D 1 21.19 18.00 -24.01
C GLN D 1 22.19 16.94 -24.52
N ALA D 2 22.96 16.38 -23.60
CA ALA D 2 23.92 15.33 -23.88
C ALA D 2 23.24 14.03 -24.34
N VAL D 3 23.75 13.42 -25.42
CA VAL D 3 23.28 12.15 -25.93
C VAL D 3 24.36 11.06 -25.74
N VAL D 4 23.94 9.84 -25.38
CA VAL D 4 24.87 8.74 -25.11
C VAL D 4 24.67 7.68 -26.15
N THR D 5 25.78 7.29 -26.81
CA THR D 5 25.63 6.32 -27.91
C THR D 5 26.44 5.02 -27.66
N GLN D 6 25.88 3.93 -28.15
CA GLN D 6 26.45 2.65 -28.05
C GLN D 6 26.32 1.93 -29.39
N GLU D 7 27.11 0.89 -29.59
CA GLU D 7 26.86 0.06 -30.76
C GLU D 7 25.44 -0.47 -30.70
N SER D 8 24.87 -0.58 -31.90
CA SER D 8 23.57 -1.08 -32.08
C SER D 8 23.46 -2.58 -31.67
N ALA D 9 24.33 -3.42 -32.26
CA ALA D 9 24.33 -4.86 -32.05
C ALA D 9 25.77 -5.36 -32.24
N LEU D 10 26.10 -6.44 -31.54
CA LEU D 10 27.40 -7.12 -31.68
C LEU D 10 27.16 -8.60 -31.51
N THR D 11 27.97 -9.37 -32.22
CA THR D 11 27.92 -10.81 -32.20
C THR D 11 29.27 -11.33 -31.72
N THR D 12 29.25 -12.39 -30.90
CA THR D 12 30.48 -12.98 -30.40
C THR D 12 30.11 -14.46 -30.14
N SER D 13 31.08 -15.28 -29.76
CA SER D 13 30.83 -16.72 -29.48
C SER D 13 31.28 -17.05 -28.09
N PRO D 14 30.78 -18.16 -27.51
CA PRO D 14 31.24 -18.55 -26.20
C PRO D 14 32.75 -18.69 -26.15
N GLY D 15 33.30 -18.11 -25.09
CA GLY D 15 34.80 -18.11 -24.84
C GLY D 15 35.54 -16.86 -25.37
N GLU D 16 34.87 -16.11 -26.27
CA GLU D 16 35.52 -14.90 -26.82
C GLU D 16 35.52 -13.76 -25.80
N THR D 17 36.40 -12.79 -26.07
CA THR D 17 36.48 -11.54 -25.35
C THR D 17 35.97 -10.44 -26.25
N VAL D 18 34.93 -9.74 -25.79
CA VAL D 18 34.18 -8.75 -26.54
C VAL D 18 34.16 -7.46 -25.67
N THR D 19 34.26 -6.33 -26.35
CA THR D 19 34.15 -5.06 -25.68
C THR D 19 33.03 -4.24 -26.27
N LEU D 20 32.22 -3.64 -25.39
CA LEU D 20 31.13 -2.79 -25.81
C LEU D 20 31.51 -1.38 -25.46
N THR D 21 31.12 -0.38 -26.26
CA THR D 21 31.57 0.95 -25.88
C THR D 21 30.43 1.97 -25.74
N CYS D 22 30.78 3.07 -25.07
CA CYS D 22 29.78 4.05 -24.63
C CYS D 22 30.37 5.44 -24.87
N ARG D 23 29.73 6.17 -25.78
CA ARG D 23 30.26 7.47 -26.26
C ARG D 23 29.41 8.63 -25.67
N SER D 24 30.09 9.70 -25.24
CA SER D 24 29.39 10.91 -24.83
C SER D 24 29.44 11.92 -25.95
N SER D 25 28.29 12.50 -26.26
CA SER D 25 28.21 13.56 -27.27
C SER D 25 28.97 14.86 -26.84
N THR D 26 29.11 15.10 -25.53
CA THR D 26 29.92 16.20 -24.93
C THR D 26 31.36 16.29 -25.42
N GLY D 27 32.03 15.14 -25.50
CA GLY D 27 33.48 15.00 -25.70
C GLY D 27 33.87 13.66 -25.06
N ALA D 28 35.04 13.63 -24.44
CA ALA D 28 35.55 12.40 -23.87
C ALA D 28 34.76 12.03 -22.64
N VAL D 29 34.53 10.73 -22.45
CA VAL D 29 33.97 10.23 -21.22
C VAL D 29 35.04 10.27 -20.16
N THR D 30 34.70 10.80 -18.99
CA THR D 30 35.65 10.82 -17.85
C THR D 30 35.09 10.10 -16.63
N THR D 31 35.90 9.98 -15.57
CA THR D 31 35.45 9.27 -14.36
C THR D 31 34.36 10.08 -13.63
N SER D 32 34.26 11.34 -14.00
CA SER D 32 33.19 12.24 -13.57
C SER D 32 31.87 11.99 -14.30
N ASN D 33 31.89 11.16 -15.32
CA ASN D 33 30.65 10.69 -15.84
C ASN D 33 30.15 9.42 -15.08
N TYR D 34 30.93 8.88 -14.15
CA TYR D 34 30.55 7.63 -13.34
C TYR D 34 29.86 6.50 -14.16
N ALA D 35 30.42 6.14 -15.31
CA ALA D 35 29.73 5.28 -16.25
C ALA D 35 29.20 4.01 -15.54
N ASN D 36 27.94 3.65 -15.83
CA ASN D 36 27.33 2.39 -15.35
C ASN D 36 27.03 1.57 -16.58
N TRP D 37 26.93 0.26 -16.37
CA TRP D 37 26.55 -0.74 -17.35
C TRP D 37 25.52 -1.59 -16.60
N VAL D 38 24.41 -1.88 -17.31
CA VAL D 38 23.29 -2.63 -16.78
C VAL D 38 22.80 -3.57 -17.92
N GLN D 39 22.42 -4.79 -17.55
CA GLN D 39 22.05 -5.82 -18.50
C GLN D 39 20.54 -5.97 -18.44
N GLU D 40 19.90 -6.07 -19.62
CA GLU D 40 18.48 -6.41 -19.68
C GLU D 40 18.29 -7.75 -20.27
N LYS D 41 17.65 -8.62 -19.49
CA LYS D 41 17.23 -9.90 -20.02
C LYS D 41 15.70 -9.96 -20.18
N PRO D 42 15.21 -10.95 -20.99
CA PRO D 42 13.79 -10.92 -21.29
C PRO D 42 12.90 -11.07 -20.08
N ASP D 43 11.73 -10.44 -20.27
CA ASP D 43 10.72 -10.12 -19.33
C ASP D 43 11.27 -9.06 -18.40
N HIS D 44 11.95 -8.03 -18.98
CA HIS D 44 12.31 -6.80 -18.26
C HIS D 44 13.12 -7.05 -16.98
N LEU D 45 14.13 -7.87 -17.11
CA LEU D 45 14.90 -8.27 -15.92
C LEU D 45 16.24 -7.55 -16.02
N PHE D 46 16.45 -6.58 -15.10
CA PHE D 46 17.58 -5.69 -15.20
C PHE D 46 18.56 -6.02 -14.10
N THR D 47 19.84 -6.12 -14.44
CA THR D 47 20.85 -6.49 -13.43
C THR D 47 21.88 -5.41 -13.56
N GLY D 48 22.14 -4.70 -12.46
CA GLY D 48 23.31 -3.85 -12.42
C GLY D 48 24.65 -4.58 -12.62
N LEU D 49 25.54 -4.08 -13.47
CA LEU D 49 26.85 -4.81 -13.68
C LEU D 49 28.04 -4.01 -13.15
N ILE D 50 28.15 -2.76 -13.63
CA ILE D 50 29.22 -1.88 -13.31
C ILE D 50 28.69 -0.53 -12.81
N GLY D 51 29.37 0.01 -11.80
CA GLY D 51 29.09 1.40 -11.37
C GLY D 51 30.39 2.19 -11.32
N GLY D 52 30.34 3.51 -11.47
CA GLY D 52 31.51 4.34 -11.20
C GLY D 52 32.63 3.91 -12.09
N THR D 53 32.30 3.71 -13.38
CA THR D 53 33.32 3.34 -14.41
C THR D 53 33.84 1.90 -14.34
N ASN D 54 34.28 1.47 -13.16
CA ASN D 54 34.93 0.19 -13.06
C ASN D 54 34.64 -0.71 -11.82
N ASN D 55 33.66 -0.32 -10.98
CA ASN D 55 33.24 -1.12 -9.86
C ASN D 55 32.29 -2.18 -10.28
N ARG D 56 32.64 -3.45 -10.03
CA ARG D 56 31.71 -4.53 -10.30
C ARG D 56 30.69 -4.74 -9.19
N ALA D 57 29.41 -4.84 -9.55
CA ALA D 57 28.34 -5.04 -8.58
C ALA D 57 28.56 -6.40 -7.87
N PRO D 58 28.11 -6.54 -6.59
CA PRO D 58 28.21 -7.85 -5.84
C PRO D 58 27.53 -8.96 -6.58
N GLY D 59 28.15 -10.11 -6.62
CA GLY D 59 27.45 -11.24 -7.24
C GLY D 59 27.48 -11.25 -8.77
N VAL D 60 27.88 -10.16 -9.39
CA VAL D 60 28.11 -10.19 -10.84
C VAL D 60 29.36 -11.06 -11.15
N PRO D 61 29.29 -11.96 -12.18
CA PRO D 61 30.52 -12.74 -12.54
C PRO D 61 31.75 -11.89 -12.90
N ALA D 62 32.91 -12.41 -12.52
CA ALA D 62 34.20 -11.73 -12.70
C ALA D 62 34.55 -11.49 -14.16
N ARG D 63 33.94 -12.23 -15.09
CA ARG D 63 34.24 -12.01 -16.51
C ARG D 63 33.80 -10.60 -17.01
N PHE D 64 32.92 -9.92 -16.24
CA PHE D 64 32.54 -8.53 -16.57
C PHE D 64 33.50 -7.51 -15.99
N SER D 65 33.98 -6.51 -16.77
CA SER D 65 34.74 -5.39 -16.15
C SER D 65 34.53 -4.14 -16.96
N GLY D 66 34.72 -2.98 -16.32
CA GLY D 66 34.51 -1.70 -16.99
C GLY D 66 35.76 -0.90 -17.08
N SER D 67 35.83 0.01 -18.06
CA SER D 67 37.01 0.88 -18.14
C SER D 67 36.75 2.11 -19.00
N LEU D 68 37.77 2.94 -19.10
CA LEU D 68 37.80 3.99 -20.11
C LEU D 68 38.86 3.56 -21.11
N ILE D 69 38.54 3.62 -22.40
CA ILE D 69 39.50 3.28 -23.49
C ILE D 69 39.36 4.47 -24.50
N GLY D 70 40.45 5.18 -24.70
CA GLY D 70 40.35 6.44 -25.50
C GLY D 70 39.24 7.36 -24.91
N ASP D 71 38.28 7.75 -25.73
CA ASP D 71 37.29 8.75 -25.32
C ASP D 71 36.00 8.16 -24.79
N LYS D 72 35.98 6.84 -24.62
CA LYS D 72 34.71 6.14 -24.40
C LYS D 72 34.80 5.34 -23.15
N ALA D 73 33.63 5.05 -22.54
CA ALA D 73 33.55 4.01 -21.48
C ALA D 73 33.44 2.69 -22.16
N ALA D 74 33.95 1.65 -21.48
CA ALA D 74 33.91 0.34 -22.14
C ALA D 74 33.58 -0.78 -21.15
N LEU D 75 32.76 -1.70 -21.60
CA LEU D 75 32.48 -2.97 -20.84
C LEU D 75 33.08 -4.15 -21.60
N THR D 76 33.95 -4.88 -20.91
CA THR D 76 34.63 -6.02 -21.55
C THR D 76 34.08 -7.24 -20.88
N ILE D 77 33.70 -8.23 -21.68
CA ILE D 77 33.30 -9.58 -21.18
C ILE D 77 34.41 -10.52 -21.60
N THR D 78 35.24 -10.93 -20.67
CA THR D 78 36.39 -11.80 -21.00
C THR D 78 35.94 -13.24 -20.88
N GLY D 79 35.69 -13.92 -22.04
CA GLY D 79 35.14 -15.26 -22.05
C GLY D 79 33.59 -15.23 -22.04
N ALA D 80 32.98 -14.72 -23.10
CA ALA D 80 31.48 -14.63 -23.15
C ALA D 80 30.85 -15.99 -22.89
N GLN D 81 29.70 -16.00 -22.22
CA GLN D 81 28.93 -17.25 -22.03
C GLN D 81 27.54 -17.07 -22.74
N THR D 82 26.85 -18.16 -23.03
CA THR D 82 25.61 -18.09 -23.85
C THR D 82 24.55 -17.25 -23.09
N GLU D 83 24.53 -17.36 -21.76
CA GLU D 83 23.61 -16.58 -20.94
C GLU D 83 23.87 -15.04 -20.98
N ASP D 84 25.02 -14.61 -21.51
CA ASP D 84 25.29 -13.16 -21.75
C ASP D 84 24.60 -12.58 -22.95
N GLU D 85 23.96 -13.41 -23.80
CA GLU D 85 23.09 -12.88 -24.89
C GLU D 85 21.94 -12.08 -24.28
N ALA D 86 21.98 -10.73 -24.45
CA ALA D 86 21.06 -9.81 -23.67
C ALA D 86 21.32 -8.45 -24.28
N ILE D 87 20.69 -7.39 -23.73
CA ILE D 87 20.90 -6.01 -24.14
C ILE D 87 21.68 -5.38 -22.96
N TYR D 88 22.66 -4.56 -23.31
CA TYR D 88 23.51 -3.88 -22.33
C TYR D 88 23.35 -2.43 -22.56
N PHE D 89 22.93 -1.73 -21.50
CA PHE D 89 22.83 -0.28 -21.52
C PHE D 89 23.91 0.33 -20.68
N CYS D 90 24.46 1.42 -21.17
CA CYS D 90 25.36 2.23 -20.36
CA CYS D 90 25.38 2.29 -20.49
C CYS D 90 24.62 3.51 -19.98
N ALA D 91 25.08 4.14 -18.91
CA ALA D 91 24.45 5.38 -18.46
C ALA D 91 25.56 6.24 -17.91
N LEU D 92 25.51 7.53 -18.23
CA LEU D 92 26.50 8.52 -17.81
C LEU D 92 25.88 9.64 -17.02
N TRP D 93 26.66 10.13 -16.05
CA TRP D 93 26.22 11.21 -15.21
C TRP D 93 26.70 12.53 -15.76
N TYR D 94 25.76 13.44 -15.99
CA TYR D 94 26.10 14.78 -16.53
C TYR D 94 25.61 15.84 -15.53
N SER D 95 26.41 16.08 -14.48
CA SER D 95 26.23 17.15 -13.45
C SER D 95 25.06 16.91 -12.48
N ASN D 96 23.87 16.69 -13.00
CA ASN D 96 22.71 16.49 -12.11
C ASN D 96 21.65 15.53 -12.65
N HIS D 97 21.96 14.75 -13.69
CA HIS D 97 21.04 13.72 -14.19
C HIS D 97 21.85 12.65 -14.92
N TRP D 98 21.30 11.43 -14.94
CA TRP D 98 21.77 10.32 -15.78
C TRP D 98 21.08 10.34 -17.14
N VAL D 99 21.85 9.96 -18.15
CA VAL D 99 21.39 9.82 -19.55
C VAL D 99 21.84 8.46 -19.96
N PHE D 100 20.91 7.67 -20.48
CA PHE D 100 21.20 6.27 -20.87
C PHE D 100 21.52 6.22 -22.36
N GLY D 101 22.43 5.34 -22.81
CA GLY D 101 22.58 5.04 -24.25
C GLY D 101 21.38 4.24 -24.72
N GLY D 102 21.30 3.90 -26.01
CA GLY D 102 20.12 3.21 -26.61
C GLY D 102 20.31 1.71 -26.45
N GLY D 103 21.46 1.29 -25.92
CA GLY D 103 21.67 -0.13 -25.65
C GLY D 103 22.33 -0.91 -26.77
N THR D 104 23.08 -1.96 -26.40
CA THR D 104 23.74 -2.82 -27.36
C THR D 104 23.12 -4.17 -27.27
N LYS D 105 22.53 -4.66 -28.37
CA LYS D 105 22.03 -6.04 -28.40
C LYS D 105 23.25 -6.98 -28.63
N LEU D 106 23.56 -7.84 -27.65
CA LEU D 106 24.71 -8.76 -27.78
C LEU D 106 24.19 -10.12 -28.10
N THR D 107 24.60 -10.66 -29.26
CA THR D 107 24.39 -12.04 -29.54
C THR D 107 25.61 -12.86 -29.12
N VAL D 108 25.38 -13.98 -28.42
CA VAL D 108 26.48 -14.88 -28.12
C VAL D 108 26.12 -16.22 -28.72
N LEU D 109 26.77 -16.56 -29.81
CA LEU D 109 26.33 -17.72 -30.71
C LEU D 109 26.31 -19.03 -29.93
N GLY D 110 25.14 -19.44 -29.47
CA GLY D 110 25.01 -20.60 -28.55
C GLY D 110 24.48 -21.85 -29.21
N GLN D 111 24.15 -21.76 -30.50
CA GLN D 111 23.65 -22.88 -31.33
C GLN D 111 23.92 -22.52 -32.77
N PRO D 112 23.80 -23.49 -33.73
CA PRO D 112 24.10 -23.08 -35.10
C PRO D 112 23.03 -22.12 -35.62
N LYS D 113 23.38 -21.33 -36.63
CA LYS D 113 22.43 -20.54 -37.46
C LYS D 113 21.15 -21.34 -37.79
N SER D 114 19.97 -20.75 -37.59
CA SER D 114 18.72 -21.40 -38.02
C SER D 114 17.90 -20.37 -38.77
N SER D 115 17.68 -20.65 -40.07
CA SER D 115 16.84 -19.84 -40.95
C SER D 115 15.37 -19.80 -40.53
N PRO D 116 14.66 -18.68 -40.75
CA PRO D 116 13.27 -18.58 -40.26
C PRO D 116 12.29 -19.54 -40.98
N SER D 117 11.35 -20.16 -40.26
CA SER D 117 10.19 -20.83 -40.91
C SER D 117 9.10 -19.78 -41.05
N VAL D 118 8.74 -19.53 -42.28
CA VAL D 118 7.77 -18.51 -42.54
C VAL D 118 6.42 -19.11 -43.02
N THR D 119 5.32 -18.58 -42.48
CA THR D 119 4.00 -19.01 -43.00
C THR D 119 3.19 -17.77 -43.24
N LEU D 120 2.50 -17.71 -44.40
CA LEU D 120 1.63 -16.56 -44.69
C LEU D 120 0.19 -16.97 -44.73
N PHE D 121 -0.62 -16.25 -43.98
CA PHE D 121 -2.05 -16.53 -43.93
C PHE D 121 -2.92 -15.49 -44.58
N PRO D 122 -3.95 -15.92 -45.36
CA PRO D 122 -4.82 -14.85 -45.89
C PRO D 122 -5.84 -14.44 -44.81
N PRO D 123 -6.60 -13.33 -45.05
CA PRO D 123 -7.73 -12.96 -44.16
C PRO D 123 -8.77 -14.05 -44.09
N SER D 124 -9.39 -14.21 -42.94
CA SER D 124 -10.45 -15.23 -42.80
C SER D 124 -11.76 -14.67 -43.37
N SER D 125 -12.62 -15.53 -43.91
CA SER D 125 -13.92 -15.01 -44.39
C SER D 125 -14.70 -14.30 -43.23
N GLU D 126 -14.66 -14.90 -42.03
CA GLU D 126 -15.19 -14.20 -40.83
C GLU D 126 -14.73 -12.73 -40.67
N GLU D 127 -13.43 -12.47 -40.86
CA GLU D 127 -12.95 -11.09 -40.68
C GLU D 127 -13.43 -10.20 -41.84
N LEU D 128 -13.40 -10.77 -43.05
CA LEU D 128 -13.91 -10.08 -44.26
C LEU D 128 -15.36 -9.50 -44.12
N GLU D 129 -16.21 -10.25 -43.45
CA GLU D 129 -17.56 -9.83 -43.08
C GLU D 129 -17.57 -8.54 -42.30
N THR D 130 -16.50 -8.24 -41.53
CA THR D 130 -16.41 -6.97 -40.83
C THR D 130 -15.88 -5.81 -41.69
N ASN D 131 -15.71 -6.05 -43.00
CA ASN D 131 -15.02 -5.07 -43.90
C ASN D 131 -13.53 -4.78 -43.70
N LYS D 132 -12.86 -5.69 -43.00
CA LYS D 132 -11.43 -5.57 -42.70
C LYS D 132 -10.73 -6.81 -43.19
N ALA D 133 -9.45 -6.66 -43.54
CA ALA D 133 -8.60 -7.78 -43.92
C ALA D 133 -7.19 -7.69 -43.27
N THR D 134 -6.85 -8.70 -42.48
CA THR D 134 -5.47 -8.80 -41.96
C THR D 134 -4.77 -10.03 -42.50
N LEU D 135 -3.62 -9.82 -43.14
CA LEU D 135 -2.75 -10.94 -43.51
C LEU D 135 -1.76 -11.08 -42.34
N VAL D 136 -1.43 -12.33 -41.99
CA VAL D 136 -0.52 -12.62 -40.87
C VAL D 136 0.62 -13.47 -41.40
N CYS D 137 1.85 -13.00 -41.11
CA CYS D 137 3.04 -13.69 -41.51
C CYS D 137 3.75 -14.14 -40.23
N THR D 138 3.72 -15.45 -39.95
CA THR D 138 4.32 -15.96 -38.76
C THR D 138 5.74 -16.41 -39.05
N ILE D 139 6.65 -16.09 -38.12
CA ILE D 139 8.06 -16.33 -38.38
C ILE D 139 8.71 -16.97 -37.18
N THR D 140 9.17 -18.21 -37.34
CA THR D 140 9.63 -18.92 -36.17
C THR D 140 11.04 -19.53 -36.34
N ASP D 141 11.59 -19.98 -35.21
CA ASP D 141 12.79 -20.80 -35.20
C ASP D 141 14.01 -20.17 -35.94
N PHE D 142 14.15 -18.85 -35.86
CA PHE D 142 15.33 -18.21 -36.42
C PHE D 142 16.42 -17.92 -35.35
N TYR D 143 17.68 -18.14 -35.76
CA TYR D 143 18.86 -17.81 -34.90
C TYR D 143 20.07 -17.46 -35.76
N PRO D 144 20.73 -16.31 -35.53
CA PRO D 144 20.49 -15.36 -34.42
C PRO D 144 19.14 -14.63 -34.53
N GLY D 145 18.79 -13.88 -33.49
CA GLY D 145 17.40 -13.33 -33.36
C GLY D 145 17.13 -11.96 -33.99
N VAL D 146 17.65 -11.73 -35.17
CA VAL D 146 17.35 -10.49 -35.91
C VAL D 146 16.83 -10.83 -37.33
N VAL D 147 15.64 -10.31 -37.65
CA VAL D 147 15.11 -10.40 -39.01
C VAL D 147 14.72 -9.01 -39.47
N THR D 148 14.64 -8.81 -40.78
CA THR D 148 13.88 -7.69 -41.27
C THR D 148 12.74 -8.24 -42.19
N VAL D 149 11.63 -7.53 -42.21
CA VAL D 149 10.41 -8.01 -42.87
C VAL D 149 9.87 -6.94 -43.80
N ASP D 150 9.67 -7.34 -45.05
CA ASP D 150 9.02 -6.47 -45.99
CA ASP D 150 9.15 -6.51 -46.10
C ASP D 150 7.90 -7.23 -46.63
N TRP D 151 6.92 -6.47 -47.09
CA TRP D 151 5.74 -7.04 -47.71
C TRP D 151 5.63 -6.55 -49.16
N LYS D 152 5.19 -7.42 -50.06
CA LYS D 152 4.87 -6.97 -51.41
C LYS D 152 3.41 -7.23 -51.76
N VAL D 153 2.85 -6.35 -52.56
CA VAL D 153 1.51 -6.47 -53.14
CA VAL D 153 1.54 -6.55 -53.15
C VAL D 153 1.61 -6.35 -54.66
N ASP D 154 1.01 -7.28 -55.41
CA ASP D 154 1.13 -7.22 -56.91
C ASP D 154 2.57 -6.93 -57.34
N GLY D 155 3.51 -7.62 -56.73
CA GLY D 155 4.92 -7.59 -57.12
C GLY D 155 5.74 -6.44 -56.58
N THR D 156 5.10 -5.50 -55.87
CA THR D 156 5.82 -4.31 -55.39
C THR D 156 5.76 -4.08 -53.85
N PRO D 157 6.83 -3.45 -53.25
CA PRO D 157 6.91 -3.21 -51.78
C PRO D 157 5.76 -2.36 -51.38
N VAL D 158 5.08 -2.78 -50.31
CA VAL D 158 3.92 -1.99 -49.79
C VAL D 158 4.34 -0.60 -49.26
N THR D 159 3.43 0.35 -49.40
CA THR D 159 3.62 1.72 -48.87
C THR D 159 2.92 2.01 -47.51
N GLN D 160 2.21 1.02 -46.95
CA GLN D 160 1.51 1.18 -45.66
C GLN D 160 0.86 -0.15 -45.19
N GLY D 161 0.38 -0.14 -43.96
CA GLY D 161 -0.32 -1.28 -43.40
C GLY D 161 0.49 -2.34 -42.67
N MET D 162 1.82 -2.16 -42.59
CA MET D 162 2.71 -3.22 -42.07
C MET D 162 3.02 -2.96 -40.59
N GLU D 163 2.95 -4.01 -39.75
CA GLU D 163 3.45 -3.94 -38.40
C GLU D 163 4.13 -5.29 -38.02
N THR D 164 5.34 -5.24 -37.50
CA THR D 164 6.10 -6.42 -37.16
C THR D 164 6.48 -6.41 -35.67
N THR D 165 6.30 -7.53 -34.96
CA THR D 165 6.71 -7.55 -33.57
C THR D 165 8.24 -7.59 -33.46
N GLN D 166 8.77 -7.15 -32.30
CA GLN D 166 10.18 -7.32 -31.99
C GLN D 166 10.36 -8.83 -31.83
N PRO D 167 11.54 -9.39 -32.15
CA PRO D 167 11.68 -10.85 -31.92
C PRO D 167 11.56 -11.25 -30.47
N SER D 168 11.12 -12.45 -30.20
CA SER D 168 11.04 -12.86 -28.82
C SER D 168 11.54 -14.28 -28.73
N LYS D 169 12.14 -14.58 -27.59
CA LYS D 169 12.95 -15.78 -27.45
C LYS D 169 12.04 -16.98 -27.26
N GLN D 170 12.23 -18.07 -28.01
CA GLN D 170 11.42 -19.30 -27.79
C GLN D 170 12.02 -20.15 -26.68
N SER D 171 11.28 -21.18 -26.25
CA SER D 171 11.80 -22.14 -25.28
C SER D 171 13.16 -22.74 -25.73
N ASN D 172 13.32 -23.04 -27.02
CA ASN D 172 14.60 -23.64 -27.50
C ASN D 172 15.72 -22.59 -27.81
N ASN D 173 15.52 -21.35 -27.34
CA ASN D 173 16.46 -20.24 -27.56
C ASN D 173 16.62 -19.76 -28.97
N LYS D 174 15.87 -20.34 -29.92
CA LYS D 174 15.63 -19.60 -31.17
C LYS D 174 14.63 -18.50 -30.86
N TYR D 175 14.38 -17.67 -31.89
CA TYR D 175 13.55 -16.52 -31.80
C TYR D 175 12.34 -16.69 -32.77
N MET D 176 11.33 -15.87 -32.53
CA MET D 176 10.03 -15.81 -33.30
C MET D 176 9.53 -14.39 -33.36
N ALA D 177 8.75 -14.06 -34.39
CA ALA D 177 8.16 -12.74 -34.54
C ALA D 177 6.92 -12.87 -35.48
N SER D 178 5.96 -11.96 -35.42
CA SER D 178 4.87 -11.93 -36.42
C SER D 178 4.85 -10.56 -37.11
N SER D 179 4.34 -10.53 -38.34
CA SER D 179 4.07 -9.30 -39.05
C SER D 179 2.65 -9.37 -39.62
N TYR D 180 2.00 -8.21 -39.57
CA TYR D 180 0.63 -8.04 -39.99
C TYR D 180 0.57 -7.07 -41.14
N LEU D 181 -0.19 -7.44 -42.18
CA LEU D 181 -0.54 -6.46 -43.18
C LEU D 181 -2.05 -6.15 -43.00
N THR D 182 -2.37 -4.89 -42.67
CA THR D 182 -3.76 -4.48 -42.37
C THR D 182 -4.31 -3.82 -43.60
N LEU D 183 -5.39 -4.34 -44.13
CA LEU D 183 -6.02 -3.79 -45.34
C LEU D 183 -7.49 -3.61 -45.07
N THR D 184 -8.14 -2.78 -45.85
CA THR D 184 -9.60 -2.91 -45.91
C THR D 184 -9.97 -4.16 -46.78
N ALA D 185 -11.19 -4.67 -46.59
CA ALA D 185 -11.75 -5.74 -47.42
C ALA D 185 -11.64 -5.36 -48.90
N ARG D 186 -12.04 -4.14 -49.23
CA ARG D 186 -11.99 -3.67 -50.62
C ARG D 186 -10.58 -3.64 -51.20
N ALA D 187 -9.61 -3.20 -50.40
CA ALA D 187 -8.20 -3.31 -50.78
C ALA D 187 -7.75 -4.75 -51.08
N TRP D 188 -8.21 -5.70 -50.26
CA TRP D 188 -7.81 -7.07 -50.36
C TRP D 188 -8.37 -7.57 -51.67
N GLU D 189 -9.62 -7.22 -51.96
CA GLU D 189 -10.21 -7.69 -53.23
C GLU D 189 -9.63 -7.03 -54.50
N ARG D 190 -9.02 -5.83 -54.39
CA ARG D 190 -8.41 -5.11 -55.55
C ARG D 190 -7.01 -5.61 -55.95
N HIS D 191 -6.47 -6.58 -55.21
CA HIS D 191 -5.13 -7.05 -55.52
C HIS D 191 -5.11 -8.56 -55.72
N SER D 192 -4.07 -9.05 -56.38
CA SER D 192 -3.99 -10.44 -56.74
C SER D 192 -2.82 -11.18 -56.09
N SER D 193 -1.67 -10.54 -55.90
CA SER D 193 -0.65 -11.26 -55.12
C SER D 193 -0.20 -10.48 -53.90
N TYR D 194 0.14 -11.27 -52.87
CA TYR D 194 0.71 -10.75 -51.63
C TYR D 194 1.90 -11.59 -51.24
N SER D 195 2.93 -10.97 -50.68
CA SER D 195 4.06 -11.78 -50.29
C SER D 195 4.73 -11.21 -49.04
N CYS D 196 5.10 -12.10 -48.16
CA CYS D 196 5.84 -11.73 -46.94
C CYS D 196 7.28 -12.21 -47.16
N GLN D 197 8.25 -11.29 -47.01
CA GLN D 197 9.67 -11.55 -47.26
C GLN D 197 10.52 -11.33 -46.00
N VAL D 198 11.13 -12.40 -45.50
CA VAL D 198 11.86 -12.33 -44.21
C VAL D 198 13.33 -12.52 -44.56
N THR D 199 14.10 -11.46 -44.38
CA THR D 199 15.56 -11.47 -44.53
C THR D 199 16.25 -11.81 -43.18
N HIS D 200 17.11 -12.82 -43.22
CA HIS D 200 17.78 -13.32 -42.02
C HIS D 200 19.20 -13.70 -42.40
N GLU D 201 20.17 -13.05 -41.74
CA GLU D 201 21.63 -13.26 -42.01
C GLU D 201 21.89 -13.26 -43.52
N GLY D 202 21.50 -12.16 -44.18
CA GLY D 202 21.75 -11.94 -45.63
C GLY D 202 21.06 -12.85 -46.67
N HIS D 203 20.09 -13.68 -46.25
CA HIS D 203 19.29 -14.50 -47.20
C HIS D 203 17.80 -14.28 -46.93
N THR D 204 16.97 -14.41 -47.96
CA THR D 204 15.53 -14.05 -47.87
C THR D 204 14.65 -15.27 -48.02
N VAL D 205 13.76 -15.47 -47.06
CA VAL D 205 12.71 -16.48 -47.14
C VAL D 205 11.42 -15.73 -47.42
N GLU D 206 10.70 -16.19 -48.45
CA GLU D 206 9.50 -15.50 -48.92
C GLU D 206 8.34 -16.47 -49.03
N LYS D 207 7.16 -16.06 -48.57
CA LYS D 207 5.94 -16.80 -48.85
C LYS D 207 4.93 -15.84 -49.48
N SER D 208 4.12 -16.41 -50.39
CA SER D 208 3.25 -15.67 -51.30
C SER D 208 1.82 -16.22 -51.33
N LEU D 209 0.85 -15.34 -51.60
CA LEU D 209 -0.57 -15.69 -51.87
C LEU D 209 -0.89 -15.11 -53.27
N SER D 210 -1.73 -15.80 -54.04
CA SER D 210 -2.15 -15.30 -55.35
C SER D 210 -3.51 -15.94 -55.64
N ARG D 211 -3.98 -15.76 -56.85
CA ARG D 211 -5.25 -16.36 -57.24
C ARG D 211 -5.03 -17.75 -57.84
N ALA D 212 -3.76 -18.18 -57.93
CA ALA D 212 -3.43 -19.47 -58.58
C ALA D 212 -3.31 -20.63 -57.60
N ASP D 213 -3.24 -20.32 -56.29
CA ASP D 213 -2.79 -21.32 -55.27
C ASP D 213 -3.60 -22.67 -55.24
N CYS D 214 -4.92 -22.57 -55.43
CA CYS D 214 -5.90 -23.72 -55.48
C CYS D 214 -6.78 -23.67 -56.75
N SER D 215 -8.10 -23.95 -56.58
CA SER D 215 -9.07 -24.31 -57.64
C SER D 215 -8.34 -25.07 -58.76
C1 GOL E . -23.78 -8.28 20.59
O1 GOL E . -25.00 -8.60 19.88
C2 GOL E . -22.87 -9.49 20.78
O2 GOL E . -21.74 -9.34 19.92
C3 GOL E . -22.38 -9.51 22.21
O3 GOL E . -21.79 -8.22 22.45
C1 GOL F . -11.73 17.47 7.52
O1 GOL F . -12.95 18.22 7.48
C2 GOL F . -10.79 17.69 8.73
O2 GOL F . -9.39 17.70 8.28
C3 GOL F . -11.09 16.59 9.77
O3 GOL F . -10.73 16.93 11.13
S SO4 G . 2.57 -4.88 3.71
O1 SO4 G . 1.80 -4.49 2.52
O2 SO4 G . 3.81 -5.54 3.24
O3 SO4 G . 1.71 -5.78 4.53
O4 SO4 G . 2.93 -3.71 4.56
S SO4 H . -7.84 22.75 0.59
O1 SO4 H . -6.49 22.13 0.45
O2 SO4 H . -7.89 23.99 -0.24
O3 SO4 H . -8.93 21.84 0.12
O4 SO4 H . -8.05 23.06 2.03
S SO4 I . 23.40 -2.81 4.22
O1 SO4 I . 24.40 -2.21 5.21
O2 SO4 I . 24.04 -2.91 2.87
O3 SO4 I . 22.17 -2.01 4.34
O4 SO4 I . 23.02 -4.25 4.63
C1 GOL J . 39.03 7.60 -29.54
O1 GOL J . 39.37 7.51 -28.17
C2 GOL J . 37.57 7.24 -29.74
O2 GOL J . 37.23 7.58 -31.08
C3 GOL J . 37.30 5.73 -29.55
O3 GOL J . 37.48 5.32 -28.17
C1 GOL K . 22.58 -12.24 -14.51
O1 GOL K . 22.02 -12.03 -15.83
C2 GOL K . 23.98 -11.58 -14.37
O2 GOL K . 24.29 -11.31 -13.00
C3 GOL K . 25.13 -12.35 -15.04
O3 GOL K . 25.03 -13.78 -15.00
S SO4 L . -4.71 0.15 -52.40
O1 SO4 L . -3.99 -0.72 -51.46
O2 SO4 L . -3.68 0.82 -53.24
O3 SO4 L . -5.65 -0.62 -53.25
O4 SO4 L . -5.48 1.19 -51.70
S SO4 M . 4.29 -11.39 -59.22
O1 SO4 M . 5.57 -11.59 -58.48
O2 SO4 M . 4.61 -11.08 -60.63
O3 SO4 M . 3.59 -10.23 -58.64
O4 SO4 M . 3.45 -12.61 -59.14
S SO4 N . -11.30 1.28 -49.62
O1 SO4 N . -9.87 0.90 -49.51
O2 SO4 N . -11.78 1.12 -51.01
O3 SO4 N . -11.39 2.69 -49.20
O4 SO4 N . -12.18 0.47 -48.74
#